data_8XZY
#
_entry.id   8XZY
#
_cell.length_a   52.231
_cell.length_b   137.536
_cell.length_c   52.857
_cell.angle_alpha   90.00
_cell.angle_beta   97.66
_cell.angle_gamma   90.00
#
_symmetry.space_group_name_H-M   'P 1 21 1'
#
loop_
_entity.id
_entity.type
_entity.pdbx_description
1 polymer Endo-1,4-beta-xylanase
2 non-polymer 'ZINC ION'
3 water water
#
_entity_poly.entity_id   1
_entity_poly.type   'polypeptide(L)'
_entity_poly.pdbx_seq_one_letter_code
;GAGAGAGAGAGMEITSSETGTNNGYYYSFWTDGGGQVTYTNGPAGQYSVEWSNSGNFVAGKGWNPGSSQTITYSGEWNPN
GNSYLSVYGWTQNPLVEYYIVESFSTYDPSTGAQELGTVETDDGTYKIYQTTRENAPSIEGTATFNQYWSVRTDHRVGGT
VTTQNHFDAWKNAGLEMGTHNYMIVATAGYQSSGSASITVQ
;
_entity_poly.pdbx_strand_id   A,B,C,D
#
loop_
_chem_comp.id
_chem_comp.type
_chem_comp.name
_chem_comp.formula
ZN non-polymer 'ZINC ION' 'Zn 2'
#
# COMPACT_ATOMS: atom_id res chain seq x y z
N GLU A 13 -34.14 -18.59 0.37
CA GLU A 13 -34.59 -19.69 1.28
C GLU A 13 -34.41 -19.22 2.73
N ILE A 14 -33.18 -18.95 3.21
CA ILE A 14 -33.02 -18.45 4.61
C ILE A 14 -32.26 -17.12 4.63
N THR A 15 -32.56 -16.30 5.63
CA THR A 15 -32.03 -14.92 5.73
C THR A 15 -31.37 -14.65 7.09
N SER A 16 -31.30 -15.64 7.97
CA SER A 16 -30.68 -15.55 9.30
C SER A 16 -29.88 -16.80 9.56
N SER A 17 -28.92 -16.68 10.47
CA SER A 17 -27.83 -17.64 10.70
C SER A 17 -28.43 -19.02 11.01
N GLU A 18 -27.85 -20.05 10.42
CA GLU A 18 -28.28 -21.43 10.63
C GLU A 18 -27.14 -22.36 10.24
N THR A 19 -27.05 -23.51 10.88
CA THR A 19 -26.17 -24.61 10.47
C THR A 19 -27.01 -25.89 10.40
N GLY A 20 -26.51 -26.84 9.66
CA GLY A 20 -27.16 -28.14 9.55
C GLY A 20 -26.39 -29.04 8.64
N THR A 21 -26.99 -30.15 8.26
CA THR A 21 -26.44 -31.07 7.26
C THR A 21 -27.52 -31.22 6.20
N ASN A 22 -27.17 -31.13 4.93
CA ASN A 22 -28.09 -31.14 3.76
C ASN A 22 -27.44 -31.98 2.65
N ASN A 23 -28.11 -33.03 2.19
CA ASN A 23 -27.57 -33.93 1.15
C ASN A 23 -26.18 -34.45 1.55
N GLY A 24 -25.94 -34.71 2.84
CA GLY A 24 -24.69 -35.29 3.33
C GLY A 24 -23.54 -34.31 3.56
N TYR A 25 -23.77 -33.01 3.31
CA TYR A 25 -22.78 -31.94 3.57
C TYR A 25 -23.26 -31.05 4.70
N TYR A 26 -22.32 -30.79 5.61
CA TYR A 26 -22.44 -29.76 6.64
C TYR A 26 -22.68 -28.44 5.92
N TYR A 27 -23.52 -27.58 6.45
CA TYR A 27 -23.57 -26.19 5.92
C TYR A 27 -23.56 -25.23 7.07
N SER A 28 -22.93 -24.08 6.84
CA SER A 28 -22.94 -22.99 7.83
C SER A 28 -23.33 -21.73 7.09
N PHE A 29 -24.34 -21.03 7.60
CA PHE A 29 -24.72 -19.70 7.06
C PHE A 29 -24.69 -18.76 8.24
N TRP A 30 -23.76 -17.81 8.23
CA TRP A 30 -23.69 -16.85 9.36
C TRP A 30 -23.88 -15.46 8.78
N THR A 31 -24.78 -14.66 9.34
CA THR A 31 -24.88 -13.22 8.99
C THR A 31 -25.05 -12.42 10.28
N ASP A 32 -24.41 -11.23 10.32
CA ASP A 32 -24.60 -10.25 11.42
C ASP A 32 -25.94 -9.53 11.27
N GLY A 33 -26.74 -9.80 10.23
CA GLY A 33 -28.09 -9.21 10.02
C GLY A 33 -28.09 -7.95 9.16
N GLY A 34 -26.91 -7.39 8.81
CA GLY A 34 -26.78 -6.22 7.90
C GLY A 34 -27.38 -6.47 6.53
N GLY A 35 -28.06 -5.46 5.99
CA GLY A 35 -28.68 -5.50 4.65
C GLY A 35 -29.50 -6.75 4.41
N GLN A 36 -29.41 -7.34 3.23
CA GLN A 36 -30.17 -8.58 2.93
C GLN A 36 -29.17 -9.62 2.47
N VAL A 37 -29.19 -10.79 3.10
CA VAL A 37 -28.30 -11.90 2.63
C VAL A 37 -29.19 -13.12 2.58
N THR A 38 -29.28 -13.80 1.44
CA THR A 38 -30.21 -14.92 1.23
C THR A 38 -29.43 -16.16 0.83
N TYR A 39 -29.56 -17.25 1.57
CA TYR A 39 -28.81 -18.49 1.33
C TYR A 39 -29.78 -19.59 0.90
N THR A 40 -29.39 -20.45 -0.03
CA THR A 40 -30.19 -21.65 -0.36
C THR A 40 -29.26 -22.84 -0.44
N ASN A 41 -29.70 -23.98 0.09
CA ASN A 41 -29.04 -25.28 -0.25
C ASN A 41 -29.61 -25.84 -1.55
N GLY A 42 -28.72 -26.39 -2.38
CA GLY A 42 -29.05 -27.12 -3.59
C GLY A 42 -28.79 -28.61 -3.41
N PRO A 43 -28.94 -29.38 -4.49
CA PRO A 43 -28.61 -30.81 -4.50
C PRO A 43 -27.13 -31.05 -4.19
N ALA A 44 -26.78 -32.21 -3.60
CA ALA A 44 -25.41 -32.67 -3.31
C ALA A 44 -24.65 -31.55 -2.59
N GLY A 45 -23.50 -31.12 -3.11
CA GLY A 45 -22.63 -30.17 -2.42
C GLY A 45 -22.92 -28.74 -2.84
N GLN A 46 -24.07 -28.42 -3.41
CA GLN A 46 -24.32 -27.06 -4.01
C GLN A 46 -24.94 -26.12 -2.98
N TYR A 47 -24.52 -24.84 -3.02
CA TYR A 47 -25.27 -23.78 -2.32
C TYR A 47 -25.23 -22.54 -3.18
N SER A 48 -26.17 -21.66 -2.94
CA SER A 48 -26.20 -20.32 -3.55
C SER A 48 -26.35 -19.30 -2.43
N VAL A 49 -25.75 -18.13 -2.63
CA VAL A 49 -25.99 -17.01 -1.74
C VAL A 49 -26.14 -15.75 -2.61
N GLU A 50 -27.04 -14.88 -2.21
CA GLU A 50 -27.27 -13.58 -2.91
C GLU A 50 -27.26 -12.50 -1.83
N TRP A 51 -26.60 -11.37 -2.05
CA TRP A 51 -26.50 -10.40 -0.93
C TRP A 51 -26.55 -8.99 -1.47
N SER A 52 -27.11 -8.11 -0.66
CA SER A 52 -27.33 -6.70 -1.06
C SER A 52 -27.00 -5.81 0.14
N ASN A 53 -26.02 -4.92 0.00
CA ASN A 53 -25.57 -3.96 1.02
C ASN A 53 -25.39 -4.65 2.36
N SER A 54 -24.64 -5.75 2.35
CA SER A 54 -24.58 -6.71 3.48
C SER A 54 -23.80 -6.13 4.65
N GLY A 55 -24.02 -6.67 5.85
CA GLY A 55 -22.98 -6.56 6.86
C GLY A 55 -21.95 -7.63 6.58
N ASN A 56 -21.52 -8.31 7.61
CA ASN A 56 -20.55 -9.40 7.49
C ASN A 56 -21.34 -10.70 7.38
N PHE A 57 -20.97 -11.59 6.46
CA PHE A 57 -21.61 -12.92 6.38
C PHE A 57 -20.54 -13.91 5.92
N VAL A 58 -20.75 -15.18 6.25
CA VAL A 58 -19.90 -16.28 5.74
C VAL A 58 -20.85 -17.44 5.47
N ALA A 59 -20.79 -18.04 4.29
CA ALA A 59 -21.78 -19.08 3.91
C ALA A 59 -21.09 -20.18 3.15
N GLY A 60 -21.37 -21.43 3.48
CA GLY A 60 -20.90 -22.50 2.61
C GLY A 60 -21.21 -23.88 3.08
N LYS A 61 -20.73 -24.83 2.30
CA LYS A 61 -20.93 -26.29 2.53
C LYS A 61 -19.60 -26.99 2.65
N GLY A 62 -19.60 -28.07 3.41
CA GLY A 62 -18.43 -28.93 3.54
C GLY A 62 -18.65 -30.03 4.56
N TRP A 63 -17.78 -30.08 5.57
CA TRP A 63 -17.70 -31.21 6.54
C TRP A 63 -17.66 -30.69 7.98
N ASN A 64 -18.20 -31.49 8.88
CA ASN A 64 -18.06 -31.23 10.32
C ASN A 64 -17.96 -32.56 11.08
N PRO A 65 -16.76 -32.91 11.58
CA PRO A 65 -15.59 -32.03 11.46
C PRO A 65 -14.86 -32.15 10.12
N GLY A 66 -14.00 -31.17 9.84
CA GLY A 66 -13.00 -31.28 8.78
C GLY A 66 -12.02 -32.38 9.09
N SER A 67 -11.61 -33.11 8.07
CA SER A 67 -10.34 -33.83 8.14
C SER A 67 -9.38 -32.81 7.53
N SER A 68 -8.41 -33.29 6.81
CA SER A 68 -7.47 -32.46 6.06
C SER A 68 -7.58 -32.96 4.63
N GLN A 69 -8.81 -33.05 4.15
CA GLN A 69 -9.12 -33.68 2.85
C GLN A 69 -8.83 -32.72 1.71
N THR A 70 -8.64 -33.32 0.56
CA THR A 70 -8.44 -32.63 -0.73
C THR A 70 -9.82 -32.24 -1.23
N ILE A 71 -10.08 -30.95 -1.35
CA ILE A 71 -11.42 -30.40 -1.70
C ILE A 71 -11.38 -30.15 -3.21
N THR A 72 -12.46 -30.48 -3.89
CA THR A 72 -12.71 -30.02 -5.27
C THR A 72 -13.96 -29.18 -5.23
N TYR A 73 -13.96 -28.03 -5.90
CA TYR A 73 -15.19 -27.20 -5.90
C TYR A 73 -15.30 -26.59 -7.29
N SER A 74 -16.52 -26.22 -7.62
CA SER A 74 -16.86 -25.62 -8.94
C SER A 74 -17.90 -24.53 -8.71
N GLY A 75 -18.06 -23.69 -9.73
CA GLY A 75 -19.21 -22.78 -9.80
C GLY A 75 -18.78 -21.40 -10.21
N GLU A 76 -19.53 -20.44 -9.68
CA GLU A 76 -19.34 -19.03 -10.06
C GLU A 76 -19.50 -18.16 -8.81
N TRP A 77 -18.81 -17.03 -8.82
CA TRP A 77 -18.67 -16.13 -7.67
C TRP A 77 -18.65 -14.72 -8.28
N ASN A 78 -19.70 -13.93 -8.02
CA ASN A 78 -19.93 -12.67 -8.75
C ASN A 78 -20.13 -11.55 -7.75
N PRO A 79 -19.09 -11.14 -6.99
CA PRO A 79 -19.21 -10.06 -6.02
C PRO A 79 -19.24 -8.70 -6.73
N ASN A 80 -19.99 -7.77 -6.18
CA ASN A 80 -19.79 -6.33 -6.45
C ASN A 80 -19.34 -5.63 -5.16
N GLY A 81 -18.04 -5.53 -4.93
CA GLY A 81 -17.44 -5.09 -3.65
C GLY A 81 -16.85 -6.25 -2.86
N ASN A 82 -16.55 -5.99 -1.58
CA ASN A 82 -15.64 -6.79 -0.75
C ASN A 82 -16.23 -8.19 -0.54
N SER A 83 -15.52 -9.21 -1.00
CA SER A 83 -15.96 -10.61 -0.89
C SER A 83 -14.72 -11.50 -1.00
N TYR A 84 -14.76 -12.65 -0.34
CA TYR A 84 -13.67 -13.67 -0.42
C TYR A 84 -14.32 -15.01 -0.78
N LEU A 85 -13.66 -15.82 -1.57
CA LEU A 85 -14.04 -17.24 -1.81
C LEU A 85 -12.90 -18.05 -1.18
N SER A 86 -13.18 -18.92 -0.19
CA SER A 86 -12.10 -19.51 0.63
C SER A 86 -12.52 -20.90 1.11
N VAL A 87 -11.55 -21.79 1.28
CA VAL A 87 -11.71 -22.92 2.22
C VAL A 87 -11.60 -22.28 3.61
N TYR A 88 -12.65 -22.42 4.41
CA TYR A 88 -12.80 -21.73 5.70
C TYR A 88 -13.11 -22.72 6.81
N GLY A 89 -12.50 -22.58 7.97
CA GLY A 89 -12.86 -23.48 9.07
C GLY A 89 -12.32 -23.01 10.39
N TRP A 90 -12.49 -23.88 11.36
CA TRP A 90 -12.13 -23.62 12.77
C TRP A 90 -11.35 -24.82 13.30
N THR A 91 -10.45 -24.52 14.23
CA THR A 91 -9.95 -25.53 15.21
C THR A 91 -10.33 -25.05 16.61
N GLN A 92 -10.38 -26.00 17.49
CA GLN A 92 -10.61 -25.75 18.94
C GLN A 92 -9.37 -26.14 19.76
N ASN A 93 -9.10 -25.40 20.83
CA ASN A 93 -8.05 -25.80 21.81
C ASN A 93 -6.70 -26.06 21.14
N PRO A 94 -6.05 -25.06 20.52
CA PRO A 94 -6.50 -23.67 20.55
C PRO A 94 -7.55 -23.28 19.48
N LEU A 95 -8.37 -22.30 19.86
CA LEU A 95 -9.38 -21.70 18.99
C LEU A 95 -8.67 -20.95 17.87
N VAL A 96 -8.90 -21.39 16.63
CA VAL A 96 -8.31 -20.80 15.41
C VAL A 96 -9.40 -20.72 14.34
N GLU A 97 -9.52 -19.56 13.68
CA GLU A 97 -10.28 -19.39 12.43
C GLU A 97 -9.24 -19.38 11.30
N TYR A 98 -9.45 -20.15 10.25
CA TYR A 98 -8.48 -20.18 9.14
C TYR A 98 -9.20 -20.07 7.80
N TYR A 99 -8.43 -19.53 6.86
CA TYR A 99 -8.89 -19.21 5.50
C TYR A 99 -7.82 -19.66 4.51
N ILE A 100 -8.22 -20.38 3.46
CA ILE A 100 -7.37 -20.64 2.28
C ILE A 100 -8.07 -19.89 1.14
N VAL A 101 -7.64 -18.66 0.89
CA VAL A 101 -8.36 -17.70 0.04
C VAL A 101 -8.00 -17.98 -1.42
N GLU A 102 -8.99 -18.37 -2.20
CA GLU A 102 -8.86 -18.69 -3.66
C GLU A 102 -9.01 -17.41 -4.47
N SER A 103 -9.90 -16.51 -4.06
CA SER A 103 -10.12 -15.18 -4.69
C SER A 103 -10.55 -14.22 -3.62
N PHE A 104 -10.13 -12.97 -3.76
CA PHE A 104 -10.81 -11.84 -3.10
C PHE A 104 -10.98 -10.75 -4.14
N SER A 105 -11.90 -9.85 -3.88
CA SER A 105 -12.33 -8.87 -4.90
C SER A 105 -11.54 -7.57 -4.64
N THR A 106 -12.09 -6.72 -3.80
CA THR A 106 -11.66 -5.30 -3.65
C THR A 106 -10.86 -5.04 -2.37
N TYR A 107 -10.60 -6.05 -1.55
CA TYR A 107 -9.92 -5.88 -0.24
C TYR A 107 -9.12 -7.14 0.09
N ASP A 108 -7.84 -6.99 0.34
CA ASP A 108 -6.95 -8.12 0.71
C ASP A 108 -7.02 -8.34 2.23
N PRO A 109 -7.62 -9.47 2.68
CA PRO A 109 -7.70 -9.85 4.10
C PRO A 109 -6.42 -9.85 4.96
N SER A 110 -5.23 -9.95 4.36
CA SER A 110 -3.92 -10.01 5.05
C SER A 110 -3.36 -8.60 5.30
N THR A 111 -4.11 -7.57 4.89
CA THR A 111 -3.73 -6.18 5.11
C THR A 111 -3.39 -6.02 6.61
N GLY A 112 -2.18 -5.57 6.93
CA GLY A 112 -1.76 -5.31 8.32
C GLY A 112 -1.35 -6.61 9.00
N ALA A 113 -0.56 -7.42 8.28
CA ALA A 113 0.02 -8.67 8.81
C ALA A 113 1.39 -8.94 8.20
N GLN A 114 2.31 -9.34 9.07
CA GLN A 114 3.59 -9.99 8.70
C GLN A 114 3.27 -11.21 7.83
N GLU A 115 3.76 -11.20 6.59
CA GLU A 115 3.91 -12.42 5.77
C GLU A 115 4.92 -13.32 6.48
N LEU A 116 4.56 -14.59 6.69
CA LEU A 116 5.35 -15.60 7.44
C LEU A 116 5.99 -16.59 6.48
N GLY A 117 5.69 -16.47 5.19
CA GLY A 117 6.18 -17.41 4.16
C GLY A 117 5.21 -17.58 3.01
N THR A 118 5.50 -18.55 2.17
CA THR A 118 4.65 -18.97 1.03
C THR A 118 4.59 -20.48 1.00
N VAL A 119 3.54 -21.02 0.39
CA VAL A 119 3.37 -22.46 0.13
C VAL A 119 2.93 -22.58 -1.34
N GLU A 120 3.52 -23.53 -2.05
CA GLU A 120 3.21 -23.84 -3.46
C GLU A 120 2.39 -25.11 -3.45
N THR A 121 1.16 -25.05 -3.97
CA THR A 121 0.22 -26.20 -3.96
C THR A 121 -0.89 -25.89 -4.94
N ASP A 122 -1.41 -26.93 -5.62
CA ASP A 122 -2.59 -26.89 -6.51
C ASP A 122 -2.34 -25.82 -7.59
N ASP A 123 -1.14 -25.86 -8.18
CA ASP A 123 -0.72 -25.04 -9.34
C ASP A 123 -0.78 -23.55 -8.99
N GLY A 124 -0.60 -23.20 -7.72
CA GLY A 124 -0.55 -21.79 -7.30
C GLY A 124 0.47 -21.58 -6.20
N THR A 125 0.65 -20.32 -5.85
CA THR A 125 1.49 -19.85 -4.71
C THR A 125 0.56 -19.14 -3.75
N TYR A 126 0.70 -19.42 -2.44
CA TYR A 126 -0.12 -18.78 -1.39
C TYR A 126 0.84 -18.08 -0.41
N LYS A 127 0.56 -16.82 -0.09
CA LYS A 127 1.23 -16.04 0.96
C LYS A 127 0.56 -16.43 2.28
N ILE A 128 1.35 -16.68 3.31
CA ILE A 128 0.90 -17.13 4.65
C ILE A 128 0.93 -15.94 5.62
N TYR A 129 -0.13 -15.74 6.42
CA TYR A 129 -0.20 -14.64 7.40
C TYR A 129 -0.89 -15.11 8.68
N GLN A 130 -0.63 -14.46 9.81
CA GLN A 130 -1.36 -14.68 11.06
C GLN A 130 -1.86 -13.33 11.58
N THR A 131 -3.13 -13.29 11.96
CA THR A 131 -3.79 -12.12 12.61
C THR A 131 -4.39 -12.61 13.94
N THR A 132 -4.78 -11.67 14.79
CA THR A 132 -5.55 -11.91 16.03
C THR A 132 -6.89 -11.18 15.91
N ARG A 133 -7.96 -11.76 16.45
CA ARG A 133 -9.27 -11.11 16.65
C ARG A 133 -9.55 -11.07 18.15
N GLU A 134 -10.00 -9.92 18.64
CA GLU A 134 -10.27 -9.68 20.09
C GLU A 134 -11.78 -9.50 20.28
N ASN A 135 -12.37 -10.24 21.22
CA ASN A 135 -13.78 -10.08 21.63
C ASN A 135 -14.66 -10.14 20.37
N ALA A 136 -14.48 -11.19 19.59
CA ALA A 136 -15.06 -11.36 18.25
C ALA A 136 -16.00 -12.55 18.28
N PRO A 137 -17.08 -12.60 17.46
CA PRO A 137 -17.86 -13.79 17.26
C PRO A 137 -16.99 -14.99 16.87
N SER A 138 -17.28 -16.13 17.48
CA SER A 138 -16.63 -17.42 17.20
C SER A 138 -17.63 -18.57 17.33
N ILE A 139 -17.18 -19.77 16.99
CA ILE A 139 -17.98 -21.02 17.18
C ILE A 139 -18.15 -21.27 18.68
N GLU A 140 -17.39 -20.58 19.53
CA GLU A 140 -17.49 -20.73 21.02
C GLU A 140 -18.16 -19.52 21.68
N GLY A 141 -18.67 -18.57 20.90
CA GLY A 141 -19.16 -17.28 21.42
C GLY A 141 -18.13 -16.16 21.34
N THR A 142 -18.38 -15.02 21.98
CA THR A 142 -17.41 -13.89 21.99
C THR A 142 -16.05 -14.37 22.49
N ALA A 143 -14.97 -14.18 21.72
CA ALA A 143 -13.66 -14.77 22.06
C ALA A 143 -12.52 -14.02 21.41
N THR A 144 -11.31 -14.28 21.95
CA THR A 144 -10.00 -13.89 21.40
C THR A 144 -9.33 -15.12 20.77
N PHE A 145 -8.91 -14.99 19.52
CA PHE A 145 -8.41 -16.18 18.79
C PHE A 145 -7.52 -15.71 17.67
N ASN A 146 -6.67 -16.61 17.20
CA ASN A 146 -5.78 -16.30 16.07
C ASN A 146 -6.53 -16.67 14.79
N GLN A 147 -6.16 -15.96 13.72
CA GLN A 147 -6.64 -16.25 12.37
C GLN A 147 -5.43 -16.58 11.52
N TYR A 148 -5.45 -17.68 10.79
CA TYR A 148 -4.38 -18.03 9.85
C TYR A 148 -4.92 -17.88 8.44
N TRP A 149 -4.07 -17.41 7.55
CA TRP A 149 -4.43 -17.09 6.17
C TRP A 149 -3.42 -17.74 5.23
N SER A 150 -3.93 -18.37 4.19
CA SER A 150 -3.18 -18.71 2.96
C SER A 150 -3.86 -17.94 1.85
N VAL A 151 -3.20 -17.00 1.16
CA VAL A 151 -3.89 -16.15 0.14
C VAL A 151 -3.23 -16.41 -1.21
N ARG A 152 -3.96 -16.99 -2.15
CA ARG A 152 -3.47 -17.34 -3.50
C ARG A 152 -3.03 -16.05 -4.17
N THR A 153 -1.87 -16.07 -4.84
CA THR A 153 -1.35 -14.88 -5.59
C THR A 153 -2.11 -14.68 -6.89
N ASP A 154 -2.53 -15.77 -7.56
CA ASP A 154 -3.33 -15.74 -8.82
C ASP A 154 -4.76 -16.17 -8.49
N HIS A 155 -5.67 -15.21 -8.39
CA HIS A 155 -7.07 -15.50 -7.95
C HIS A 155 -7.76 -16.45 -8.94
N ARG A 156 -8.55 -17.37 -8.42
CA ARG A 156 -9.31 -18.32 -9.28
C ARG A 156 -10.64 -18.68 -8.61
N VAL A 157 -11.55 -19.16 -9.45
CA VAL A 157 -12.85 -19.70 -9.04
C VAL A 157 -12.90 -21.14 -9.53
N GLY A 158 -12.59 -22.07 -8.64
CA GLY A 158 -12.67 -23.50 -8.96
C GLY A 158 -11.31 -24.14 -8.90
N GLY A 159 -11.27 -25.47 -8.81
CA GLY A 159 -10.00 -26.18 -8.74
C GLY A 159 -9.98 -27.06 -7.53
N THR A 160 -8.76 -27.49 -7.16
CA THR A 160 -8.49 -28.46 -6.09
C THR A 160 -7.74 -27.70 -4.99
N VAL A 161 -8.12 -27.90 -3.74
CA VAL A 161 -7.36 -27.38 -2.58
C VAL A 161 -6.90 -28.61 -1.78
N THR A 162 -5.58 -28.82 -1.73
CA THR A 162 -4.98 -29.89 -0.89
C THR A 162 -4.77 -29.26 0.50
N THR A 163 -5.80 -29.35 1.33
CA THR A 163 -5.84 -28.63 2.63
C THR A 163 -4.64 -29.03 3.50
N GLN A 164 -4.24 -30.29 3.45
CA GLN A 164 -3.10 -30.76 4.28
C GLN A 164 -1.84 -29.98 3.96
N ASN A 165 -1.57 -29.63 2.69
CA ASN A 165 -0.36 -28.83 2.34
C ASN A 165 -0.39 -27.46 3.04
N HIS A 166 -1.58 -26.86 3.18
CA HIS A 166 -1.71 -25.56 3.86
C HIS A 166 -1.51 -25.74 5.37
N PHE A 167 -2.13 -26.75 5.95
CA PHE A 167 -2.01 -27.02 7.41
C PHE A 167 -0.53 -27.25 7.74
N ASP A 168 0.18 -28.03 6.92
CA ASP A 168 1.62 -28.36 7.15
C ASP A 168 2.47 -27.08 7.03
N ALA A 169 2.17 -26.20 6.07
CA ALA A 169 2.90 -24.93 5.88
C ALA A 169 2.68 -24.01 7.09
N TRP A 170 1.46 -23.91 7.58
CA TRP A 170 1.16 -23.08 8.77
C TRP A 170 1.94 -23.65 9.96
N LYS A 171 1.90 -24.96 10.17
CA LYS A 171 2.64 -25.60 11.31
C LYS A 171 4.13 -25.34 11.11
N ASN A 172 4.64 -25.47 9.89
CA ASN A 172 6.09 -25.22 9.59
C ASN A 172 6.45 -23.81 10.02
N ALA A 173 5.54 -22.86 9.81
CA ALA A 173 5.75 -21.42 10.08
C ALA A 173 5.59 -21.10 11.57
N GLY A 174 5.35 -22.11 12.42
CA GLY A 174 5.12 -21.95 13.87
C GLY A 174 3.69 -21.62 14.25
N LEU A 175 2.69 -21.86 13.38
CA LEU A 175 1.26 -21.59 13.68
C LEU A 175 0.56 -22.89 14.11
N GLU A 176 0.21 -22.97 15.40
CA GLU A 176 -0.37 -24.16 16.07
C GLU A 176 -1.84 -24.30 15.68
N MET A 177 -2.23 -25.49 15.26
CA MET A 177 -3.63 -25.85 14.95
C MET A 177 -4.18 -26.72 16.08
N GLY A 178 -5.44 -26.54 16.40
CA GLY A 178 -6.15 -27.33 17.41
C GLY A 178 -6.84 -28.53 16.79
N THR A 179 -7.79 -29.09 17.53
CA THR A 179 -8.74 -30.14 17.06
C THR A 179 -9.67 -29.54 16.01
N HIS A 180 -9.78 -30.19 14.88
CA HIS A 180 -10.55 -29.65 13.74
C HIS A 180 -12.04 -29.65 14.07
N ASN A 181 -12.67 -28.50 13.89
CA ASN A 181 -14.13 -28.35 13.82
C ASN A 181 -14.51 -28.30 12.34
N TYR A 182 -15.51 -27.53 11.97
CA TYR A 182 -15.98 -27.60 10.56
C TYR A 182 -14.94 -27.01 9.61
N MET A 183 -15.12 -27.40 8.36
CA MET A 183 -14.33 -26.92 7.22
C MET A 183 -15.31 -26.83 6.03
N ILE A 184 -15.41 -25.66 5.43
CA ILE A 184 -16.41 -25.45 4.35
C ILE A 184 -15.77 -24.69 3.20
N VAL A 185 -16.35 -24.76 2.01
CA VAL A 185 -15.96 -23.84 0.90
C VAL A 185 -16.90 -22.66 1.05
N ALA A 186 -16.40 -21.52 1.49
CA ALA A 186 -17.24 -20.41 1.87
C ALA A 186 -17.13 -19.24 0.94
N THR A 187 -18.26 -18.59 0.78
CA THR A 187 -18.39 -17.24 0.23
C THR A 187 -18.57 -16.30 1.41
N ALA A 188 -17.72 -15.26 1.49
CA ALA A 188 -17.78 -14.25 2.57
C ALA A 188 -17.97 -12.88 1.94
N GLY A 189 -18.72 -12.02 2.61
CA GLY A 189 -18.84 -10.65 2.11
C GLY A 189 -18.82 -9.67 3.25
N TYR A 190 -18.54 -8.42 2.94
CA TYR A 190 -18.74 -7.36 3.94
C TYR A 190 -19.03 -6.04 3.25
N GLN A 191 -20.16 -5.41 3.60
CA GLN A 191 -20.61 -4.11 3.00
C GLN A 191 -20.45 -4.15 1.49
N SER A 192 -21.10 -5.12 0.86
CA SER A 192 -20.99 -5.34 -0.58
C SER A 192 -22.30 -5.96 -1.08
N SER A 193 -22.37 -6.26 -2.37
CA SER A 193 -23.53 -6.94 -2.97
C SER A 193 -22.92 -8.06 -3.81
N GLY A 194 -23.72 -9.04 -4.19
CA GLY A 194 -23.21 -10.09 -5.05
C GLY A 194 -24.09 -11.29 -5.10
N SER A 195 -23.57 -12.27 -5.82
CA SER A 195 -24.19 -13.60 -5.85
C SER A 195 -23.09 -14.63 -6.00
N ALA A 196 -23.39 -15.85 -5.62
CA ALA A 196 -22.47 -16.97 -5.85
C ALA A 196 -23.27 -18.26 -5.85
N SER A 197 -22.77 -19.21 -6.61
CA SER A 197 -23.38 -20.56 -6.69
C SER A 197 -22.23 -21.54 -6.71
N ILE A 198 -22.01 -22.24 -5.63
CA ILE A 198 -20.77 -23.05 -5.48
C ILE A 198 -21.16 -24.48 -5.22
N THR A 199 -20.48 -25.42 -5.86
CA THR A 199 -20.67 -26.85 -5.57
C THR A 199 -19.40 -27.45 -5.00
N VAL A 200 -19.51 -28.12 -3.85
CA VAL A 200 -18.38 -28.87 -3.25
C VAL A 200 -18.52 -30.29 -3.80
N GLN A 201 -17.57 -30.78 -4.61
CA GLN A 201 -17.73 -32.06 -5.37
C GLN A 201 -17.26 -33.22 -4.48
N GLU B 13 1.94 12.86 0.25
CA GLU B 13 2.38 13.94 1.18
C GLU B 13 1.86 13.70 2.62
N ILE B 14 0.57 13.49 2.86
CA ILE B 14 -0.03 13.30 4.24
C ILE B 14 -0.51 11.83 4.34
N THR B 15 -0.20 11.10 5.42
CA THR B 15 -0.59 9.65 5.59
C THR B 15 -1.33 9.41 6.93
N SER B 16 -1.48 10.45 7.75
CA SER B 16 -2.15 10.41 9.06
C SER B 16 -3.05 11.63 9.18
N SER B 17 -4.08 11.52 10.00
CA SER B 17 -5.17 12.52 10.13
C SER B 17 -4.57 13.89 10.40
N GLU B 18 -5.07 14.89 9.70
CA GLU B 18 -4.60 16.29 9.82
C GLU B 18 -5.73 17.20 9.32
N THR B 19 -5.79 18.41 9.86
CA THR B 19 -6.71 19.44 9.34
C THR B 19 -5.86 20.68 9.20
N GLY B 20 -6.27 21.55 8.29
CA GLY B 20 -5.61 22.84 8.16
C GLY B 20 -6.20 23.72 7.09
N THR B 21 -5.42 24.73 6.71
CA THR B 21 -5.75 25.64 5.60
C THR B 21 -4.76 25.37 4.49
N ASN B 22 -5.22 25.32 3.24
CA ASN B 22 -4.32 25.16 2.08
C ASN B 22 -4.86 26.00 0.94
N ASN B 23 -4.12 27.05 0.59
CA ASN B 23 -4.45 27.85 -0.60
C ASN B 23 -5.86 28.44 -0.45
N GLY B 24 -6.24 28.83 0.77
CA GLY B 24 -7.51 29.50 1.03
C GLY B 24 -8.70 28.56 1.22
N TYR B 25 -8.45 27.26 1.31
CA TYR B 25 -9.45 26.21 1.54
C TYR B 25 -9.15 25.55 2.88
N TYR B 26 -10.21 25.31 3.64
CA TYR B 26 -10.18 24.34 4.74
C TYR B 26 -9.87 22.97 4.12
N TYR B 27 -9.10 22.16 4.80
CA TYR B 27 -8.99 20.74 4.43
C TYR B 27 -9.02 19.88 5.67
N SER B 28 -9.59 18.70 5.51
CA SER B 28 -9.61 17.67 6.56
C SER B 28 -9.24 16.36 5.90
N PHE B 29 -8.25 15.69 6.47
CA PHE B 29 -7.88 14.32 6.09
C PHE B 29 -8.01 13.50 7.36
N TRP B 30 -8.90 12.50 7.35
CA TRP B 30 -9.12 11.65 8.55
C TRP B 30 -8.94 10.22 8.10
N THR B 31 -8.15 9.45 8.81
CA THR B 31 -7.99 8.02 8.48
C THR B 31 -7.90 7.27 9.80
N ASP B 32 -8.44 6.07 9.85
CA ASP B 32 -8.32 5.26 11.09
C ASP B 32 -6.95 4.57 11.14
N GLY B 33 -6.12 4.72 10.09
CA GLY B 33 -4.75 4.18 9.99
C GLY B 33 -4.65 2.81 9.30
N GLY B 34 -5.75 2.25 8.80
CA GLY B 34 -5.77 0.96 8.11
C GLY B 34 -5.23 1.08 6.71
N GLY B 35 -4.46 0.08 6.27
CA GLY B 35 -3.84 0.02 4.93
C GLY B 35 -3.05 1.27 4.61
N GLN B 36 -3.10 1.70 3.36
CA GLN B 36 -2.30 2.85 2.92
C GLN B 36 -3.28 3.87 2.38
N VAL B 37 -3.22 5.07 2.93
CA VAL B 37 -4.09 6.17 2.43
C VAL B 37 -3.20 7.38 2.38
N THR B 38 -3.09 8.02 1.20
CA THR B 38 -2.14 9.12 0.98
C THR B 38 -2.94 10.31 0.45
N TYR B 39 -2.88 11.41 1.15
CA TYR B 39 -3.58 12.65 0.78
C TYR B 39 -2.53 13.69 0.32
N THR B 40 -2.85 14.39 -0.77
CA THR B 40 -2.00 15.48 -1.32
C THR B 40 -2.84 16.74 -1.55
N ASN B 41 -2.48 17.86 -0.94
CA ASN B 41 -3.10 19.17 -1.31
C ASN B 41 -2.47 19.68 -2.60
N GLY B 42 -3.31 20.10 -3.53
CA GLY B 42 -2.90 20.75 -4.77
C GLY B 42 -3.18 22.23 -4.73
N PRO B 43 -2.90 22.94 -5.83
CA PRO B 43 -3.20 24.37 -5.90
C PRO B 43 -4.68 24.69 -5.74
N ALA B 44 -4.99 25.87 -5.21
CA ALA B 44 -6.36 26.39 -5.07
C ALA B 44 -7.22 25.29 -4.41
N GLY B 45 -8.35 24.92 -4.99
CA GLY B 45 -9.27 23.99 -4.33
C GLY B 45 -9.00 22.52 -4.63
N GLN B 46 -7.80 22.17 -5.10
CA GLN B 46 -7.50 20.78 -5.54
C GLN B 46 -7.00 19.93 -4.38
N TYR B 47 -7.40 18.65 -4.37
CA TYR B 47 -6.72 17.63 -3.58
C TYR B 47 -6.79 16.32 -4.32
N SER B 48 -5.92 15.43 -3.92
CA SER B 48 -5.83 14.05 -4.46
C SER B 48 -5.77 13.10 -3.29
N VAL B 49 -6.27 11.90 -3.48
CA VAL B 49 -6.11 10.86 -2.44
C VAL B 49 -5.95 9.55 -3.17
N GLU B 50 -5.04 8.74 -2.67
CA GLU B 50 -4.70 7.45 -3.29
C GLU B 50 -4.82 6.47 -2.15
N TRP B 51 -5.53 5.35 -2.31
CA TRP B 51 -5.61 4.40 -1.18
C TRP B 51 -5.55 2.95 -1.64
N SER B 52 -5.10 2.09 -0.73
CA SER B 52 -4.86 0.65 -1.01
C SER B 52 -5.24 -0.11 0.24
N ASN B 53 -6.26 -0.96 0.18
CA ASN B 53 -6.66 -1.81 1.31
C ASN B 53 -6.88 -0.98 2.56
N SER B 54 -7.63 0.11 2.42
CA SER B 54 -7.85 1.14 3.47
C SER B 54 -8.68 0.59 4.62
N GLY B 55 -8.54 1.19 5.80
CA GLY B 55 -9.61 1.19 6.80
C GLY B 55 -10.62 2.24 6.38
N ASN B 56 -11.18 2.97 7.34
CA ASN B 56 -12.13 4.07 7.05
C ASN B 56 -11.30 5.36 6.83
N PHE B 57 -11.62 6.16 5.82
CA PHE B 57 -11.02 7.50 5.73
C PHE B 57 -12.08 8.43 5.15
N VAL B 58 -11.87 9.73 5.37
CA VAL B 58 -12.70 10.79 4.79
C VAL B 58 -11.75 11.95 4.53
N ALA B 59 -11.75 12.50 3.32
CA ALA B 59 -10.76 13.51 2.91
C ALA B 59 -11.35 14.55 1.99
N GLY B 60 -11.02 15.81 2.22
CA GLY B 60 -11.45 16.80 1.23
C GLY B 60 -11.22 18.24 1.62
N LYS B 61 -11.64 19.10 0.72
CA LYS B 61 -11.41 20.57 0.80
C LYS B 61 -12.74 21.29 0.76
N GLY B 62 -12.77 22.45 1.42
CA GLY B 62 -13.93 23.32 1.37
C GLY B 62 -13.77 24.53 2.26
N TRP B 63 -14.73 24.71 3.17
CA TRP B 63 -14.96 25.99 3.88
C TRP B 63 -15.11 25.73 5.38
N ASN B 64 -14.65 26.68 6.16
CA ASN B 64 -15.03 26.74 7.58
C ASN B 64 -15.24 28.20 8.00
N PRO B 65 -16.44 28.58 8.48
CA PRO B 65 -17.63 27.72 8.54
C PRO B 65 -18.24 27.50 7.14
N GLY B 66 -18.98 26.40 6.97
CA GLY B 66 -19.97 26.30 5.88
C GLY B 66 -21.06 27.36 6.06
N SER B 67 -21.52 27.98 4.99
CA SER B 67 -22.61 28.98 5.04
C SER B 67 -23.65 28.65 3.99
N SER B 68 -23.92 27.35 3.79
CA SER B 68 -25.02 26.89 2.91
C SER B 68 -24.79 27.39 1.48
N GLN B 69 -23.54 27.40 1.03
CA GLN B 69 -23.22 27.95 -0.29
C GLN B 69 -23.58 26.92 -1.35
N THR B 70 -23.75 27.40 -2.56
CA THR B 70 -23.86 26.55 -3.75
C THR B 70 -22.43 26.17 -4.19
N ILE B 71 -22.12 24.89 -4.15
CA ILE B 71 -20.74 24.33 -4.39
C ILE B 71 -20.67 23.92 -5.84
N THR B 72 -19.53 24.19 -6.48
CA THR B 72 -19.19 23.56 -7.77
C THR B 72 -17.87 22.84 -7.58
N TYR B 73 -17.72 21.68 -8.19
CA TYR B 73 -16.49 20.90 -8.13
C TYR B 73 -16.37 20.10 -9.42
N SER B 74 -15.14 19.70 -9.71
CA SER B 74 -14.78 18.95 -10.92
C SER B 74 -13.79 17.87 -10.50
N GLY B 75 -13.49 17.00 -11.44
CA GLY B 75 -12.39 16.05 -11.29
C GLY B 75 -12.85 14.64 -11.56
N GLU B 76 -12.17 13.71 -10.91
CA GLU B 76 -12.29 12.26 -11.23
C GLU B 76 -12.26 11.52 -9.91
N TRP B 77 -12.94 10.37 -9.87
CA TRP B 77 -13.07 9.54 -8.63
C TRP B 77 -13.14 8.09 -9.08
N ASN B 78 -12.11 7.32 -8.77
CA ASN B 78 -11.82 6.01 -9.38
C ASN B 78 -11.67 4.98 -8.26
N PRO B 79 -12.77 4.58 -7.63
CA PRO B 79 -12.69 3.56 -6.58
C PRO B 79 -12.72 2.14 -7.15
N ASN B 80 -12.14 1.24 -6.37
CA ASN B 80 -12.19 -0.23 -6.53
C ASN B 80 -12.69 -0.75 -5.19
N GLY B 81 -14.02 -0.74 -5.04
CA GLY B 81 -14.70 -1.13 -3.81
C GLY B 81 -15.28 0.07 -3.13
N ASN B 82 -15.58 -0.09 -1.85
CA ASN B 82 -16.51 0.76 -1.10
C ASN B 82 -15.91 2.17 -1.02
N SER B 83 -16.59 3.13 -1.61
CA SER B 83 -16.17 4.54 -1.63
C SER B 83 -17.40 5.39 -1.95
N TYR B 84 -17.40 6.64 -1.52
CA TYR B 84 -18.43 7.62 -1.93
C TYR B 84 -17.83 9.01 -1.98
N LEU B 85 -18.47 9.81 -2.81
CA LEU B 85 -18.12 11.21 -3.06
C LEU B 85 -19.27 12.09 -2.59
N SER B 86 -18.99 13.03 -1.68
CA SER B 86 -20.13 13.70 -0.99
C SER B 86 -19.72 15.11 -0.65
N VAL B 87 -20.72 15.94 -0.43
CA VAL B 87 -20.54 17.14 0.36
C VAL B 87 -20.71 16.65 1.80
N TYR B 88 -19.77 17.00 2.64
CA TYR B 88 -19.69 16.46 4.01
C TYR B 88 -19.42 17.60 4.99
N GLY B 89 -20.15 17.60 6.08
CA GLY B 89 -19.94 18.67 7.07
C GLY B 89 -20.50 18.37 8.43
N TRP B 90 -20.35 19.35 9.32
CA TRP B 90 -20.84 19.26 10.71
C TRP B 90 -21.62 20.49 11.08
N THR B 91 -22.53 20.31 12.00
CA THR B 91 -23.04 21.41 12.84
C THR B 91 -22.69 21.09 14.29
N GLN B 92 -22.81 22.10 15.12
CA GLN B 92 -22.60 21.99 16.56
C GLN B 92 -23.86 22.50 17.27
N ASN B 93 -24.13 21.93 18.45
CA ASN B 93 -25.20 22.44 19.32
C ASN B 93 -26.54 22.56 18.59
N PRO B 94 -27.15 21.46 18.10
CA PRO B 94 -26.63 20.10 18.27
C PRO B 94 -25.54 19.68 17.28
N LEU B 95 -24.75 18.74 17.75
CA LEU B 95 -23.74 18.02 16.95
C LEU B 95 -24.45 17.13 15.93
N VAL B 96 -24.15 17.39 14.65
CA VAL B 96 -24.74 16.67 13.50
C VAL B 96 -23.61 16.48 12.46
N GLU B 97 -23.47 15.27 11.96
CA GLU B 97 -22.60 14.90 10.83
C GLU B 97 -23.53 14.74 9.63
N TYR B 98 -23.24 15.35 8.50
CA TYR B 98 -24.18 15.22 7.36
C TYR B 98 -23.41 14.89 6.09
N TYR B 99 -24.10 14.22 5.16
CA TYR B 99 -23.50 13.87 3.84
C TYR B 99 -24.53 14.06 2.76
N ILE B 100 -24.13 14.78 1.72
CA ILE B 100 -24.88 14.85 0.46
C ILE B 100 -24.10 14.03 -0.54
N VAL B 101 -24.55 12.81 -0.77
CA VAL B 101 -23.79 11.80 -1.52
C VAL B 101 -24.17 11.95 -3.01
N GLU B 102 -23.14 12.22 -3.79
CA GLU B 102 -23.24 12.43 -5.26
C GLU B 102 -23.05 11.11 -6.02
N SER B 103 -22.15 10.28 -5.54
CA SER B 103 -21.88 8.92 -6.05
C SER B 103 -21.48 8.02 -4.91
N PHE B 104 -21.81 6.75 -5.02
CA PHE B 104 -21.21 5.67 -4.19
C PHE B 104 -20.93 4.47 -5.07
N SER B 105 -20.03 3.62 -4.60
CA SER B 105 -19.49 2.42 -5.28
C SER B 105 -19.66 1.23 -4.32
N THR B 106 -20.36 0.25 -4.77
CA THR B 106 -20.48 -1.10 -4.20
C THR B 106 -21.34 -1.12 -2.94
N TYR B 107 -21.47 -0.04 -2.16
CA TYR B 107 -22.21 -0.09 -0.87
C TYR B 107 -22.93 1.24 -0.67
N ASP B 108 -24.24 1.20 -0.47
CA ASP B 108 -25.05 2.42 -0.23
C ASP B 108 -24.74 2.83 1.22
N PRO B 109 -24.02 3.96 1.47
CA PRO B 109 -23.57 4.28 2.83
C PRO B 109 -24.74 4.66 3.74
N SER B 110 -25.95 4.80 3.19
CA SER B 110 -27.21 5.07 3.96
C SER B 110 -27.84 3.77 4.48
N THR B 111 -27.31 2.62 4.10
CA THR B 111 -27.80 1.30 4.59
C THR B 111 -27.86 1.32 6.13
N GLY B 112 -29.01 0.95 6.68
CA GLY B 112 -29.19 0.88 8.14
C GLY B 112 -29.70 2.21 8.70
N ALA B 113 -29.79 3.26 7.88
CA ALA B 113 -30.45 4.52 8.30
C ALA B 113 -31.95 4.50 7.97
N GLN B 114 -32.73 5.37 8.63
CA GLN B 114 -34.21 5.47 8.49
C GLN B 114 -34.49 6.45 7.36
N GLU B 115 -35.22 5.97 6.34
CA GLU B 115 -35.62 6.77 5.16
C GLU B 115 -36.76 7.70 5.58
N LEU B 116 -36.76 8.94 5.07
CA LEU B 116 -37.58 10.07 5.55
C LEU B 116 -38.42 10.67 4.44
N GLY B 117 -37.94 10.64 3.20
CA GLY B 117 -38.50 11.43 2.09
C GLY B 117 -37.49 11.61 0.99
N THR B 118 -37.71 12.59 0.13
CA THR B 118 -36.84 12.89 -1.05
C THR B 118 -36.81 14.41 -1.22
N VAL B 119 -35.80 14.87 -1.94
CA VAL B 119 -35.69 16.29 -2.34
C VAL B 119 -35.15 16.29 -3.78
N GLU B 120 -35.76 17.12 -4.62
CA GLU B 120 -35.35 17.31 -6.02
C GLU B 120 -34.50 18.59 -6.10
N THR B 121 -33.27 18.47 -6.59
CA THR B 121 -32.33 19.61 -6.62
C THR B 121 -31.20 19.27 -7.60
N ASP B 122 -30.70 20.29 -8.26
CA ASP B 122 -29.53 20.18 -9.17
C ASP B 122 -29.73 19.01 -10.15
N ASP B 123 -30.90 18.94 -10.80
CA ASP B 123 -31.20 17.99 -11.91
C ASP B 123 -31.25 16.54 -11.41
N GLY B 124 -31.37 16.32 -10.11
CA GLY B 124 -31.38 14.99 -9.50
C GLY B 124 -32.50 14.83 -8.48
N THR B 125 -32.67 13.61 -8.01
CA THR B 125 -33.56 13.26 -6.89
C THR B 125 -32.66 12.65 -5.81
N TYR B 126 -32.87 13.07 -4.57
CA TYR B 126 -32.12 12.53 -3.41
C TYR B 126 -33.11 11.92 -2.42
N LYS B 127 -32.81 10.71 -1.97
CA LYS B 127 -33.44 10.06 -0.82
C LYS B 127 -32.79 10.61 0.47
N ILE B 128 -33.63 10.95 1.45
CA ILE B 128 -33.23 11.56 2.74
C ILE B 128 -33.29 10.50 3.83
N TYR B 129 -32.27 10.42 4.69
CA TYR B 129 -32.21 9.40 5.76
C TYR B 129 -31.70 10.07 7.03
N GLN B 130 -31.99 9.47 8.19
CA GLN B 130 -31.34 9.86 9.44
C GLN B 130 -30.90 8.61 10.17
N THR B 131 -29.85 8.71 10.95
CA THR B 131 -29.47 7.67 11.93
C THR B 131 -28.73 8.35 13.08
N THR B 132 -28.36 7.56 14.09
CA THR B 132 -27.55 8.00 15.24
C THR B 132 -26.22 7.25 15.17
N ARG B 133 -25.15 7.96 15.51
CA ARG B 133 -23.82 7.36 15.75
C ARG B 133 -23.60 7.41 17.25
N GLU B 134 -23.22 6.28 17.84
CA GLU B 134 -23.03 6.15 19.31
C GLU B 134 -21.54 6.01 19.57
N ASN B 135 -20.98 6.80 20.51
CA ASN B 135 -19.60 6.62 21.00
C ASN B 135 -18.65 6.60 19.79
N ALA B 136 -18.74 7.62 18.94
CA ALA B 136 -18.08 7.64 17.62
C ALA B 136 -17.16 8.85 17.52
N PRO B 137 -16.18 8.83 16.61
CA PRO B 137 -15.28 9.97 16.43
C PRO B 137 -16.13 11.10 15.89
N SER B 138 -15.86 12.33 16.34
CA SER B 138 -16.58 13.57 15.96
C SER B 138 -15.60 14.72 16.03
N ILE B 139 -16.02 15.90 15.61
CA ILE B 139 -15.15 17.10 15.71
C ILE B 139 -15.02 17.52 17.18
N GLU B 140 -15.82 16.96 18.10
CA GLU B 140 -15.76 17.32 19.55
C GLU B 140 -15.16 16.19 20.38
N GLY B 141 -14.60 15.16 19.74
CA GLY B 141 -14.13 13.91 20.38
C GLY B 141 -15.16 12.80 20.32
N THR B 142 -14.94 11.70 21.04
CA THR B 142 -15.91 10.59 21.11
C THR B 142 -17.26 11.14 21.54
N ALA B 143 -18.28 10.92 20.73
CA ALA B 143 -19.60 11.50 21.01
C ALA B 143 -20.75 10.67 20.40
N THR B 144 -21.97 11.00 20.80
CA THR B 144 -23.22 10.44 20.23
C THR B 144 -23.95 11.56 19.51
N PHE B 145 -24.29 11.36 18.26
CA PHE B 145 -24.76 12.51 17.43
C PHE B 145 -25.62 11.97 16.31
N ASN B 146 -26.48 12.83 15.78
CA ASN B 146 -27.34 12.47 14.64
C ASN B 146 -26.48 12.53 13.36
N GLN B 147 -26.80 11.67 12.39
CA GLN B 147 -26.16 11.66 11.06
C GLN B 147 -27.27 11.76 10.02
N TYR B 148 -27.18 12.72 9.11
CA TYR B 148 -28.22 12.94 8.09
C TYR B 148 -27.59 12.70 6.73
N TRP B 149 -28.40 12.11 5.86
CA TRP B 149 -27.97 11.73 4.50
C TRP B 149 -28.92 12.30 3.46
N SER B 150 -28.36 12.79 2.34
CA SER B 150 -29.10 12.99 1.07
C SER B 150 -28.39 12.13 0.05
N VAL B 151 -29.04 11.13 -0.57
CA VAL B 151 -28.32 10.19 -1.46
C VAL B 151 -28.90 10.31 -2.89
N ARG B 152 -28.09 10.75 -3.86
CA ARG B 152 -28.54 10.98 -5.26
C ARG B 152 -28.92 9.63 -5.88
N THR B 153 -30.03 9.59 -6.61
CA THR B 153 -30.52 8.33 -7.21
C THR B 153 -29.73 8.08 -8.52
N ASP B 154 -29.30 9.13 -9.22
CA ASP B 154 -28.46 9.00 -10.45
C ASP B 154 -27.05 9.52 -10.14
N HIS B 155 -26.11 8.58 -9.99
CA HIS B 155 -24.75 8.94 -9.51
C HIS B 155 -24.05 9.84 -10.50
N ARG B 156 -23.25 10.76 -9.98
CA ARG B 156 -22.49 11.69 -10.83
C ARG B 156 -21.20 12.13 -10.15
N VAL B 157 -20.26 12.55 -10.99
CA VAL B 157 -18.99 13.13 -10.51
C VAL B 157 -18.89 14.53 -11.10
N GLY B 158 -19.13 15.53 -10.28
CA GLY B 158 -19.04 16.94 -10.68
C GLY B 158 -20.42 17.52 -10.84
N GLY B 159 -20.47 18.81 -11.15
CA GLY B 159 -21.75 19.54 -11.12
C GLY B 159 -21.84 20.47 -9.93
N THR B 160 -23.06 20.88 -9.64
CA THR B 160 -23.36 21.93 -8.65
C THR B 160 -24.24 21.30 -7.58
N VAL B 161 -23.96 21.63 -6.34
CA VAL B 161 -24.76 21.17 -5.19
C VAL B 161 -25.23 22.40 -4.45
N THR B 162 -26.54 22.65 -4.54
CA THR B 162 -27.19 23.77 -3.86
C THR B 162 -27.49 23.30 -2.44
N THR B 163 -26.54 23.48 -1.54
CA THR B 163 -26.59 22.87 -0.18
C THR B 163 -27.86 23.35 0.52
N GLN B 164 -28.25 24.61 0.35
CA GLN B 164 -29.41 25.16 1.07
C GLN B 164 -30.66 24.32 0.80
N ASN B 165 -30.83 23.76 -0.42
CA ASN B 165 -31.97 22.91 -0.79
C ASN B 165 -31.97 21.63 0.07
N HIS B 166 -30.80 21.02 0.35
CA HIS B 166 -30.71 19.83 1.23
C HIS B 166 -31.05 20.19 2.68
N PHE B 167 -30.48 21.27 3.20
CA PHE B 167 -30.68 21.69 4.60
C PHE B 167 -32.16 22.01 4.85
N ASP B 168 -32.78 22.77 3.92
CA ASP B 168 -34.22 23.15 3.95
C ASP B 168 -35.06 21.87 4.00
N ALA B 169 -34.72 20.89 3.17
CA ALA B 169 -35.47 19.62 3.02
C ALA B 169 -35.35 18.82 4.32
N TRP B 170 -34.14 18.78 4.90
CA TRP B 170 -33.89 18.07 6.18
C TRP B 170 -34.71 18.73 7.29
N LYS B 171 -34.67 20.05 7.35
CA LYS B 171 -35.33 20.80 8.42
C LYS B 171 -36.85 20.66 8.27
N ASN B 172 -37.31 20.67 7.02
CA ASN B 172 -38.76 20.57 6.70
C ASN B 172 -39.24 19.20 7.17
N ALA B 173 -38.38 18.18 7.07
CA ALA B 173 -38.65 16.77 7.49
C ALA B 173 -38.50 16.58 9.01
N GLY B 174 -38.16 17.61 9.77
CA GLY B 174 -38.06 17.53 11.23
C GLY B 174 -36.65 17.27 11.76
N LEU B 175 -35.63 17.28 10.90
CA LEU B 175 -34.23 17.02 11.33
C LEU B 175 -33.62 18.33 11.82
N GLU B 176 -33.25 18.43 13.11
CA GLU B 176 -32.72 19.69 13.70
C GLU B 176 -31.24 19.84 13.29
N MET B 177 -30.82 21.05 12.93
CA MET B 177 -29.41 21.35 12.59
C MET B 177 -28.93 22.43 13.57
N GLY B 178 -27.65 22.41 13.90
CA GLY B 178 -27.05 23.41 14.78
C GLY B 178 -26.33 24.47 13.99
N THR B 179 -25.36 25.11 14.63
CA THR B 179 -24.44 26.11 14.04
C THR B 179 -23.48 25.40 13.10
N HIS B 180 -23.37 25.85 11.87
CA HIS B 180 -22.46 25.21 10.89
C HIS B 180 -20.99 25.31 11.32
N ASN B 181 -20.31 24.17 11.29
CA ASN B 181 -18.85 24.07 11.32
C ASN B 181 -18.43 23.84 9.87
N TYR B 182 -17.45 23.01 9.64
CA TYR B 182 -16.85 22.96 8.29
C TYR B 182 -17.81 22.26 7.34
N MET B 183 -17.58 22.49 6.03
CA MET B 183 -18.27 21.78 4.93
C MET B 183 -17.20 21.53 3.86
N ILE B 184 -17.03 20.28 3.40
CA ILE B 184 -15.97 19.92 2.43
C ILE B 184 -16.61 19.08 1.31
N VAL B 185 -15.97 19.05 0.15
CA VAL B 185 -16.25 18.05 -0.88
C VAL B 185 -15.31 16.88 -0.59
N ALA B 186 -15.88 15.77 -0.12
CA ALA B 186 -15.15 14.66 0.50
C ALA B 186 -15.19 13.39 -0.35
N THR B 187 -14.03 12.76 -0.47
CA THR B 187 -13.87 11.36 -0.89
C THR B 187 -13.77 10.51 0.38
N ALA B 188 -14.57 9.44 0.45
CA ALA B 188 -14.56 8.56 1.64
C ALA B 188 -14.39 7.13 1.15
N GLY B 189 -13.77 6.28 1.95
CA GLY B 189 -13.65 4.87 1.56
C GLY B 189 -13.49 3.98 2.74
N TYR B 190 -13.76 2.69 2.58
CA TYR B 190 -13.65 1.69 3.65
C TYR B 190 -13.33 0.36 2.99
N GLN B 191 -12.24 -0.26 3.39
CA GLN B 191 -11.88 -1.64 2.94
C GLN B 191 -11.89 -1.68 1.42
N SER B 192 -11.24 -0.71 0.80
CA SER B 192 -11.21 -0.57 -0.67
C SER B 192 -9.87 0.03 -1.12
N SER B 193 -9.73 0.19 -2.43
CA SER B 193 -8.55 0.84 -3.03
C SER B 193 -9.11 1.90 -3.98
N GLY B 194 -8.27 2.81 -4.41
CA GLY B 194 -8.76 3.80 -5.37
C GLY B 194 -7.90 5.02 -5.42
N SER B 195 -8.34 5.91 -6.30
CA SER B 195 -7.72 7.24 -6.36
C SER B 195 -8.80 8.24 -6.71
N ALA B 196 -8.60 9.47 -6.32
CA ALA B 196 -9.48 10.58 -6.70
C ALA B 196 -8.64 11.85 -6.81
N SER B 197 -9.08 12.76 -7.66
CA SER B 197 -8.48 14.09 -7.83
C SER B 197 -9.63 15.07 -8.04
N ILE B 198 -9.92 15.87 -7.03
CA ILE B 198 -11.13 16.70 -6.98
C ILE B 198 -10.70 18.14 -6.84
N THR B 199 -11.31 19.03 -7.61
CA THR B 199 -11.04 20.49 -7.47
C THR B 199 -12.33 21.17 -7.07
N VAL B 200 -12.39 21.77 -5.88
CA VAL B 200 -13.53 22.57 -5.40
C VAL B 200 -13.34 23.97 -5.99
N GLN B 201 -14.39 24.56 -6.54
CA GLN B 201 -14.38 25.93 -7.14
C GLN B 201 -15.47 26.79 -6.50
N GLU C 13 -5.40 -5.24 -10.45
CA GLU C 13 -5.74 -6.49 -11.14
C GLU C 13 -4.62 -7.52 -10.96
N ILE C 14 -3.32 -7.19 -11.07
CA ILE C 14 -2.28 -8.21 -10.73
C ILE C 14 -1.19 -7.62 -9.82
N THR C 15 -0.80 -8.39 -8.81
CA THR C 15 0.07 -7.93 -7.69
C THR C 15 1.25 -8.88 -7.50
N SER C 16 1.31 -10.00 -8.22
CA SER C 16 2.42 -10.96 -8.18
C SER C 16 2.91 -11.18 -9.60
N SER C 17 4.20 -11.56 -9.75
CA SER C 17 4.89 -11.65 -11.07
C SER C 17 4.10 -12.56 -12.03
N GLU C 18 3.93 -12.13 -13.28
CA GLU C 18 3.17 -12.89 -14.30
C GLU C 18 3.69 -12.45 -15.66
N THR C 19 3.67 -13.35 -16.61
CA THR C 19 3.86 -12.96 -18.04
C THR C 19 2.73 -13.60 -18.83
N GLY C 20 2.43 -13.01 -19.97
CA GLY C 20 1.40 -13.58 -20.84
C GLY C 20 1.21 -12.73 -22.07
N THR C 21 0.12 -12.97 -22.79
CA THR C 21 -0.26 -12.10 -23.93
C THR C 21 -1.56 -11.43 -23.55
N ASN C 22 -1.64 -10.14 -23.89
CA ASN C 22 -2.84 -9.34 -23.65
C ASN C 22 -3.09 -8.49 -24.93
N ASN C 23 -4.16 -8.77 -25.65
CA ASN C 23 -4.61 -7.93 -26.79
C ASN C 23 -3.50 -7.81 -27.82
N GLY C 24 -2.82 -8.92 -28.14
CA GLY C 24 -1.80 -9.01 -29.20
C GLY C 24 -0.40 -8.57 -28.77
N TYR C 25 -0.22 -8.22 -27.50
CA TYR C 25 1.09 -7.77 -26.93
C TYR C 25 1.57 -8.80 -25.91
N TYR C 26 2.88 -9.00 -25.88
CA TYR C 26 3.58 -9.70 -24.80
C TYR C 26 3.49 -8.80 -23.59
N TYR C 27 3.23 -9.32 -22.41
CA TYR C 27 3.40 -8.49 -21.20
C TYR C 27 4.20 -9.25 -20.17
N SER C 28 4.93 -8.47 -19.38
CA SER C 28 5.69 -9.05 -18.25
C SER C 28 5.50 -8.11 -17.08
N PHE C 29 5.10 -8.67 -15.93
CA PHE C 29 5.06 -7.92 -14.67
C PHE C 29 5.98 -8.70 -13.72
N TRP C 30 7.04 -8.07 -13.24
CA TRP C 30 7.96 -8.75 -12.28
C TRP C 30 8.05 -7.89 -11.01
N THR C 31 7.82 -8.47 -9.83
CA THR C 31 8.03 -7.74 -8.55
C THR C 31 8.77 -8.69 -7.61
N ASP C 32 9.67 -8.16 -6.79
CA ASP C 32 10.30 -8.98 -5.71
C ASP C 32 9.31 -9.14 -4.53
N GLY C 33 8.11 -8.54 -4.58
CA GLY C 33 7.08 -8.70 -3.51
C GLY C 33 7.06 -7.57 -2.49
N GLY C 34 8.06 -6.69 -2.48
CA GLY C 34 8.17 -5.54 -1.57
C GLY C 34 7.02 -4.54 -1.75
N GLY C 35 6.50 -4.03 -0.63
CA GLY C 35 5.45 -2.98 -0.60
C GLY C 35 4.21 -3.38 -1.40
N GLN C 36 3.59 -2.43 -2.11
CA GLN C 36 2.37 -2.62 -2.94
C GLN C 36 2.73 -2.23 -4.37
N VAL C 37 2.64 -3.17 -5.29
CA VAL C 37 2.74 -2.84 -6.74
C VAL C 37 1.55 -3.48 -7.46
N THR C 38 0.76 -2.68 -8.13
CA THR C 38 -0.48 -3.15 -8.84
C THR C 38 -0.31 -2.82 -10.33
N TYR C 39 -0.42 -3.88 -11.14
CA TYR C 39 -0.29 -3.83 -12.62
C TYR C 39 -1.66 -4.14 -13.24
N THR C 40 -2.05 -3.36 -14.25
CA THR C 40 -3.32 -3.56 -14.97
C THR C 40 -3.03 -3.55 -16.47
N ASN C 41 -3.45 -4.59 -17.20
CA ASN C 41 -3.50 -4.53 -18.68
C ASN C 41 -4.74 -3.79 -19.16
N GLY C 42 -4.53 -2.90 -20.10
CA GLY C 42 -5.60 -2.17 -20.79
C GLY C 42 -5.81 -2.66 -22.20
N PRO C 43 -6.65 -1.95 -22.97
CA PRO C 43 -6.86 -2.29 -24.36
C PRO C 43 -5.60 -2.10 -25.21
N ALA C 44 -5.48 -2.91 -26.27
CA ALA C 44 -4.40 -2.86 -27.28
C ALA C 44 -3.09 -2.80 -26.50
N GLY C 45 -2.21 -1.83 -26.75
CA GLY C 45 -0.86 -1.87 -26.14
C GLY C 45 -0.79 -1.13 -24.81
N GLN C 46 -1.90 -0.94 -24.10
CA GLN C 46 -1.96 -0.11 -22.87
C GLN C 46 -1.68 -0.96 -21.63
N TYR C 47 -0.90 -0.42 -20.70
CA TYR C 47 -0.81 -0.95 -19.33
C TYR C 47 -0.67 0.21 -18.36
N SER C 48 -1.03 -0.09 -17.13
CA SER C 48 -0.93 0.84 -15.98
C SER C 48 -0.18 0.17 -14.86
N VAL C 49 0.55 0.95 -14.05
CA VAL C 49 1.15 0.40 -12.80
C VAL C 49 1.09 1.48 -11.73
N GLU C 50 0.69 1.09 -10.52
CA GLU C 50 0.55 1.98 -9.32
C GLU C 50 1.40 1.31 -8.28
N TRP C 51 2.30 2.05 -7.63
CA TRP C 51 3.14 1.43 -6.59
C TRP C 51 3.34 2.38 -5.41
N SER C 52 3.56 1.76 -4.25
CA SER C 52 3.74 2.44 -2.94
C SER C 52 4.77 1.66 -2.15
N ASN C 53 5.84 2.35 -1.72
CA ASN C 53 6.93 1.80 -0.89
C ASN C 53 7.39 0.46 -1.49
N SER C 54 7.68 0.45 -2.79
CA SER C 54 7.93 -0.80 -3.56
C SER C 54 9.28 -1.41 -3.20
N GLY C 55 9.38 -2.70 -3.42
CA GLY C 55 10.69 -3.30 -3.68
C GLY C 55 11.05 -3.01 -5.12
N ASN C 56 11.77 -3.94 -5.75
CA ASN C 56 12.16 -3.85 -7.18
C ASN C 56 10.96 -4.34 -7.99
N PHE C 57 10.61 -3.63 -9.07
CA PHE C 57 9.63 -4.18 -10.04
C PHE C 57 10.00 -3.67 -11.42
N VAL C 58 9.54 -4.39 -12.44
CA VAL C 58 9.75 -4.03 -13.86
C VAL C 58 8.48 -4.51 -14.56
N ALA C 59 7.79 -3.66 -15.32
CA ALA C 59 6.47 -4.02 -15.89
C ALA C 59 6.29 -3.37 -17.25
N GLY C 60 5.76 -4.12 -18.20
CA GLY C 60 5.45 -3.48 -19.47
C GLY C 60 4.91 -4.44 -20.53
N LYS C 61 4.57 -3.83 -21.65
CA LYS C 61 4.04 -4.52 -22.82
C LYS C 61 5.01 -4.38 -23.98
N GLY C 62 4.93 -5.34 -24.89
CA GLY C 62 5.71 -5.32 -26.12
C GLY C 62 5.58 -6.58 -26.94
N TRP C 63 6.72 -7.11 -27.34
CA TRP C 63 6.82 -8.08 -28.43
C TRP C 63 7.63 -9.29 -27.98
N ASN C 64 7.30 -10.45 -28.49
CA ASN C 64 8.19 -11.61 -28.32
C ASN C 64 8.12 -12.45 -29.59
N PRO C 65 9.24 -12.67 -30.30
CA PRO C 65 10.52 -12.06 -29.97
C PRO C 65 10.58 -10.58 -30.39
N GLY C 66 11.46 -9.81 -29.76
CA GLY C 66 11.87 -8.51 -30.31
C GLY C 66 12.55 -8.78 -31.64
N SER C 67 12.33 -7.91 -32.58
CA SER C 67 12.91 -8.01 -33.95
C SER C 67 13.58 -6.69 -34.27
N SER C 68 14.11 -6.00 -33.26
CA SER C 68 14.88 -4.74 -33.44
C SER C 68 14.01 -3.74 -34.19
N GLN C 69 12.69 -3.74 -33.92
CA GLN C 69 11.76 -2.87 -34.69
C GLN C 69 11.85 -1.46 -34.11
N THR C 70 11.46 -0.48 -34.91
CA THR C 70 11.23 0.92 -34.49
C THR C 70 9.91 0.97 -33.72
N ILE C 71 9.98 1.35 -32.44
CA ILE C 71 8.90 1.34 -31.43
C ILE C 71 8.32 2.76 -31.33
N THR C 72 7.01 2.92 -31.21
CA THR C 72 6.40 4.21 -30.79
C THR C 72 5.56 3.94 -29.53
N TYR C 73 5.69 4.78 -28.53
CA TYR C 73 4.85 4.66 -27.32
C TYR C 73 4.50 6.06 -26.86
N SER C 74 3.53 6.13 -25.98
CA SER C 74 3.10 7.40 -25.35
C SER C 74 2.57 7.09 -23.97
N GLY C 75 2.33 8.13 -23.18
CA GLY C 75 1.63 7.94 -21.90
C GLY C 75 2.13 8.93 -20.87
N GLU C 76 1.96 8.55 -19.62
CA GLU C 76 2.18 9.40 -18.42
C GLU C 76 3.02 8.60 -17.45
N TRP C 77 4.03 9.24 -16.87
CA TRP C 77 4.95 8.56 -15.94
C TRP C 77 5.23 9.52 -14.81
N ASN C 78 4.69 9.20 -13.62
CA ASN C 78 4.58 10.10 -12.45
C ASN C 78 5.20 9.41 -11.25
N PRO C 79 6.55 9.37 -11.17
CA PRO C 79 7.23 8.77 -10.03
C PRO C 79 7.34 9.73 -8.85
N ASN C 80 7.38 9.16 -7.65
CA ASN C 80 7.86 9.84 -6.42
C ASN C 80 9.04 9.02 -5.88
N GLY C 81 10.22 9.23 -6.43
CA GLY C 81 11.42 8.47 -6.06
C GLY C 81 11.96 7.67 -7.23
N ASN C 82 12.78 6.66 -6.93
CA ASN C 82 13.62 5.96 -7.90
C ASN C 82 12.73 5.16 -8.88
N SER C 83 12.76 5.54 -10.15
CA SER C 83 11.93 4.90 -11.20
C SER C 83 12.58 5.20 -12.54
N TYR C 84 12.41 4.37 -13.53
CA TYR C 84 12.80 4.77 -14.89
C TYR C 84 11.86 4.13 -15.91
N LEU C 85 11.85 4.72 -17.11
CA LEU C 85 11.00 4.31 -18.24
C LEU C 85 11.97 3.94 -19.36
N SER C 86 11.90 2.69 -19.84
CA SER C 86 12.95 2.18 -20.74
C SER C 86 12.34 1.21 -21.74
N VAL C 87 12.96 1.06 -22.91
CA VAL C 87 12.78 -0.18 -23.70
C VAL C 87 13.69 -1.22 -23.07
N TYR C 88 13.16 -2.38 -22.73
CA TYR C 88 13.82 -3.35 -21.87
C TYR C 88 13.70 -4.72 -22.52
N GLY C 89 14.78 -5.48 -22.63
CA GLY C 89 14.61 -6.80 -23.24
C GLY C 89 15.78 -7.71 -22.99
N TRP C 90 15.71 -8.91 -23.59
CA TRP C 90 16.72 -9.97 -23.38
C TRP C 90 17.24 -10.52 -24.70
N THR C 91 18.52 -10.93 -24.72
CA THR C 91 18.99 -11.94 -25.69
C THR C 91 19.44 -13.19 -24.96
N GLN C 92 19.44 -14.29 -25.69
CA GLN C 92 19.99 -15.58 -25.19
C GLN C 92 21.17 -16.02 -26.07
N ASN C 93 22.11 -16.70 -25.44
CA ASN C 93 23.24 -17.32 -26.17
C ASN C 93 24.00 -16.32 -27.04
N PRO C 94 24.67 -15.27 -26.49
CA PRO C 94 24.72 -15.04 -25.04
C PRO C 94 23.51 -14.34 -24.38
N LEU C 95 23.39 -14.63 -23.08
CA LEU C 95 22.37 -14.04 -22.19
C LEU C 95 22.75 -12.57 -21.92
N VAL C 96 21.88 -11.66 -22.37
CA VAL C 96 22.10 -10.20 -22.22
C VAL C 96 20.76 -9.61 -21.74
N GLU C 97 20.82 -8.72 -20.77
CA GLU C 97 19.68 -7.89 -20.35
C GLU C 97 20.01 -6.47 -20.80
N TYR C 98 19.09 -5.78 -21.47
CA TYR C 98 19.43 -4.45 -22.02
C TYR C 98 18.30 -3.46 -21.74
N TYR C 99 18.69 -2.18 -21.68
CA TYR C 99 17.82 -1.05 -21.25
C TYR C 99 18.12 0.11 -22.17
N ILE C 100 17.09 0.66 -22.82
CA ILE C 100 17.20 1.96 -23.53
C ILE C 100 16.37 2.91 -22.69
N VAL C 101 17.05 3.69 -21.83
CA VAL C 101 16.38 4.50 -20.79
C VAL C 101 16.00 5.85 -21.40
N GLU C 102 14.69 6.16 -21.39
CA GLU C 102 14.08 7.40 -21.93
C GLU C 102 13.99 8.46 -20.83
N SER C 103 13.68 8.04 -19.60
CA SER C 103 13.56 8.89 -18.39
C SER C 103 14.03 8.11 -17.18
N PHE C 104 14.67 8.78 -16.25
CA PHE C 104 14.82 8.27 -14.86
C PHE C 104 14.61 9.44 -13.92
N SER C 105 14.36 9.13 -12.65
CA SER C 105 13.98 10.16 -11.67
C SER C 105 15.21 10.55 -10.82
N THR C 106 15.34 9.96 -9.66
CA THR C 106 16.26 10.33 -8.55
C THR C 106 17.55 9.51 -8.57
N TYR C 107 17.66 8.51 -9.45
CA TYR C 107 18.83 7.61 -9.46
C TYR C 107 19.14 7.23 -10.90
N ASP C 108 20.32 7.55 -11.37
CA ASP C 108 20.75 7.13 -12.74
C ASP C 108 20.98 5.62 -12.66
N PRO C 109 20.16 4.78 -13.35
CA PRO C 109 20.21 3.32 -13.21
C PRO C 109 21.46 2.73 -13.86
N SER C 110 22.20 3.54 -14.62
CA SER C 110 23.53 3.18 -15.20
C SER C 110 24.67 3.35 -14.18
N THR C 111 24.38 3.80 -12.96
CA THR C 111 25.41 4.05 -11.92
C THR C 111 26.14 2.72 -11.64
N GLY C 112 27.47 2.73 -11.63
CA GLY C 112 28.28 1.50 -11.42
C GLY C 112 28.69 0.87 -12.73
N ALA C 113 28.07 1.25 -13.86
CA ALA C 113 28.38 0.64 -15.16
C ALA C 113 29.48 1.42 -15.89
N GLN C 114 30.26 0.72 -16.72
CA GLN C 114 31.37 1.37 -17.45
C GLN C 114 30.80 2.13 -18.65
N GLU C 115 31.11 3.42 -18.75
CA GLU C 115 30.72 4.26 -19.91
C GLU C 115 31.59 3.93 -21.12
N LEU C 116 30.97 3.71 -22.29
CA LEU C 116 31.64 3.20 -23.51
C LEU C 116 31.53 4.19 -24.67
N GLY C 117 30.73 5.24 -24.55
CA GLY C 117 30.56 6.20 -25.64
C GLY C 117 29.13 6.69 -25.74
N THR C 118 28.71 7.13 -26.91
CA THR C 118 27.38 7.77 -27.09
C THR C 118 26.78 7.36 -28.44
N VAL C 119 25.48 7.52 -28.59
CA VAL C 119 24.77 7.27 -29.87
C VAL C 119 23.76 8.39 -30.01
N GLU C 120 23.69 9.01 -31.19
CA GLU C 120 22.70 10.05 -31.55
C GLU C 120 21.55 9.33 -32.24
N THR C 121 20.32 9.42 -31.75
CA THR C 121 19.15 8.72 -32.36
C THR C 121 17.85 9.34 -31.82
N ASP C 122 16.82 9.40 -32.67
CA ASP C 122 15.47 9.85 -32.27
C ASP C 122 15.58 11.21 -31.58
N ASP C 123 16.38 12.11 -32.15
CA ASP C 123 16.45 13.54 -31.75
C ASP C 123 17.11 13.72 -30.39
N GLY C 124 17.87 12.72 -29.94
CA GLY C 124 18.44 12.67 -28.59
C GLY C 124 19.87 12.16 -28.70
N THR C 125 20.61 12.32 -27.62
CA THR C 125 21.92 11.69 -27.40
C THR C 125 21.78 10.71 -26.24
N TYR C 126 22.31 9.51 -26.42
CA TYR C 126 22.32 8.47 -25.38
C TYR C 126 23.75 8.13 -25.05
N LYS C 127 24.01 8.00 -23.75
CA LYS C 127 25.28 7.47 -23.25
C LYS C 127 25.12 5.95 -23.15
N ILE C 128 26.11 5.21 -23.61
CA ILE C 128 26.15 3.73 -23.65
C ILE C 128 27.04 3.21 -22.52
N TYR C 129 26.60 2.14 -21.89
CA TYR C 129 27.30 1.52 -20.73
C TYR C 129 27.17 0.01 -20.81
N GLN C 130 28.12 -0.66 -20.17
CA GLN C 130 28.07 -2.12 -19.93
C GLN C 130 28.47 -2.41 -18.49
N THR C 131 27.80 -3.40 -17.91
CA THR C 131 28.23 -4.07 -16.66
C THR C 131 27.86 -5.55 -16.72
N THR C 132 28.22 -6.28 -15.67
CA THR C 132 27.87 -7.71 -15.51
C THR C 132 26.97 -7.82 -14.27
N ARG C 133 25.99 -8.71 -14.28
CA ARG C 133 25.18 -9.08 -13.09
C ARG C 133 25.56 -10.50 -12.73
N GLU C 134 25.78 -10.75 -11.42
CA GLU C 134 26.29 -12.03 -10.86
C GLU C 134 25.15 -12.75 -10.17
N ASN C 135 24.92 -14.03 -10.49
CA ASN C 135 23.91 -14.86 -9.79
C ASN C 135 22.64 -14.03 -9.53
N ALA C 136 22.06 -13.47 -10.59
CA ALA C 136 20.88 -12.57 -10.54
C ALA C 136 19.70 -13.24 -11.24
N PRO C 137 18.45 -12.84 -10.96
CA PRO C 137 17.28 -13.36 -11.66
C PRO C 137 17.41 -13.03 -13.15
N SER C 138 16.94 -13.95 -13.98
CA SER C 138 16.96 -13.83 -15.46
C SER C 138 15.82 -14.64 -16.06
N ILE C 139 15.57 -14.44 -17.35
CA ILE C 139 14.59 -15.24 -18.10
C ILE C 139 14.97 -16.72 -18.03
N GLU C 140 16.20 -17.07 -17.65
CA GLU C 140 16.63 -18.50 -17.62
C GLU C 140 16.78 -18.98 -16.16
N GLY C 141 16.45 -18.13 -15.19
CA GLY C 141 16.66 -18.45 -13.76
C GLY C 141 17.88 -17.75 -13.25
N THR C 142 18.35 -18.09 -12.06
CA THR C 142 19.53 -17.43 -11.46
C THR C 142 20.71 -17.59 -12.42
N ALA C 143 21.33 -16.50 -12.84
CA ALA C 143 22.41 -16.55 -13.85
C ALA C 143 23.35 -15.37 -13.76
N THR C 144 24.48 -15.50 -14.45
CA THR C 144 25.43 -14.40 -14.66
C THR C 144 25.29 -13.93 -16.11
N PHE C 145 25.23 -12.64 -16.36
CA PHE C 145 24.96 -12.10 -17.71
C PHE C 145 25.45 -10.66 -17.82
N ASN C 146 25.65 -10.23 -19.07
CA ASN C 146 26.02 -8.84 -19.40
C ASN C 146 24.75 -8.01 -19.35
N GLN C 147 24.91 -6.76 -18.94
CA GLN C 147 23.75 -5.83 -18.93
C GLN C 147 24.21 -4.59 -19.69
N TYR C 148 23.49 -4.18 -20.74
CA TYR C 148 23.86 -3.04 -21.58
C TYR C 148 22.84 -1.93 -21.34
N TRP C 149 23.30 -0.69 -21.37
CA TRP C 149 22.49 0.54 -21.12
C TRP C 149 22.72 1.52 -22.26
N SER C 150 21.66 2.19 -22.68
CA SER C 150 21.69 3.45 -23.44
C SER C 150 20.84 4.44 -22.68
N VAL C 151 21.38 5.59 -22.25
CA VAL C 151 20.58 6.45 -21.34
C VAL C 151 20.45 7.82 -21.97
N ARG C 152 19.20 8.27 -22.19
CA ARG C 152 18.97 9.51 -22.96
C ARG C 152 19.45 10.66 -22.09
N THR C 153 20.14 11.65 -22.67
CA THR C 153 20.70 12.77 -21.89
C THR C 153 19.58 13.76 -21.56
N ASP C 154 18.65 13.95 -22.48
CA ASP C 154 17.44 14.81 -22.32
C ASP C 154 16.22 13.91 -22.14
N HIS C 155 15.72 13.78 -20.91
CA HIS C 155 14.62 12.82 -20.57
C HIS C 155 13.35 13.14 -21.36
N ARG C 156 12.66 12.09 -21.80
CA ARG C 156 11.32 12.24 -22.40
C ARG C 156 10.42 11.09 -21.98
N VAL C 157 9.13 11.34 -22.10
CA VAL C 157 8.06 10.33 -21.93
C VAL C 157 7.26 10.30 -23.23
N GLY C 158 7.56 9.32 -24.07
CA GLY C 158 6.83 9.11 -25.33
C GLY C 158 7.68 9.50 -26.52
N GLY C 159 7.45 8.83 -27.63
CA GLY C 159 8.09 9.12 -28.92
C GLY C 159 8.49 7.83 -29.60
N THR C 160 9.41 7.94 -30.56
CA THR C 160 9.87 6.76 -31.33
C THR C 160 11.26 6.36 -30.84
N VAL C 161 11.48 5.06 -30.67
CA VAL C 161 12.82 4.50 -30.33
C VAL C 161 13.21 3.57 -31.47
N THR C 162 14.26 3.94 -32.20
CA THR C 162 14.74 3.16 -33.35
C THR C 162 15.71 2.15 -32.76
N THR C 163 15.22 0.99 -32.33
CA THR C 163 16.01 0.10 -31.45
C THR C 163 17.28 -0.36 -32.18
N GLN C 164 17.22 -0.55 -33.50
CA GLN C 164 18.43 -1.01 -34.27
C GLN C 164 19.59 -0.04 -34.06
N ASN C 165 19.36 1.28 -33.88
CA ASN C 165 20.44 2.28 -33.74
C ASN C 165 21.19 2.03 -32.42
N HIS C 166 20.46 1.57 -31.39
CA HIS C 166 21.07 1.25 -30.07
C HIS C 166 21.87 -0.04 -30.21
N PHE C 167 21.25 -1.08 -30.76
CA PHE C 167 21.88 -2.41 -30.99
C PHE C 167 23.17 -2.23 -31.79
N ASP C 168 23.15 -1.39 -32.82
CA ASP C 168 24.33 -1.11 -33.70
C ASP C 168 25.40 -0.36 -32.93
N ALA C 169 25.04 0.63 -32.09
CA ALA C 169 25.98 1.36 -31.21
C ALA C 169 26.66 0.39 -30.26
N TRP C 170 25.90 -0.52 -29.63
CA TRP C 170 26.48 -1.52 -28.69
C TRP C 170 27.44 -2.45 -29.45
N LYS C 171 27.05 -2.89 -30.65
CA LYS C 171 27.89 -3.83 -31.45
C LYS C 171 29.21 -3.12 -31.80
N ASN C 172 29.12 -1.83 -32.13
CA ASN C 172 30.23 -0.98 -32.60
C ASN C 172 31.20 -0.75 -31.45
N ALA C 173 30.72 -0.73 -30.21
CA ALA C 173 31.55 -0.58 -29.02
C ALA C 173 32.12 -1.97 -28.65
N GLY C 174 31.75 -3.00 -29.41
CA GLY C 174 32.33 -4.34 -29.28
C GLY C 174 31.49 -5.29 -28.44
N LEU C 175 30.25 -4.91 -28.07
CA LEU C 175 29.35 -5.71 -27.18
C LEU C 175 28.60 -6.75 -28.03
N GLU C 176 28.62 -7.97 -27.55
CA GLU C 176 28.00 -9.15 -28.21
C GLU C 176 26.52 -9.22 -27.80
N MET C 177 25.62 -9.41 -28.77
CA MET C 177 24.18 -9.66 -28.52
C MET C 177 23.86 -11.07 -29.02
N GLY C 178 22.94 -11.76 -28.36
CA GLY C 178 22.48 -13.10 -28.72
C GLY C 178 21.19 -13.05 -29.54
N THR C 179 20.46 -14.15 -29.55
CA THR C 179 19.13 -14.29 -30.19
C THR C 179 18.13 -13.50 -29.36
N HIS C 180 17.32 -12.67 -30.01
CA HIS C 180 16.39 -11.80 -29.28
C HIS C 180 15.27 -12.63 -28.66
N ASN C 181 15.02 -12.40 -27.38
CA ASN C 181 13.80 -12.87 -26.69
C ASN C 181 12.90 -11.62 -26.61
N TYR C 182 12.17 -11.43 -25.52
CA TYR C 182 11.13 -10.37 -25.53
C TYR C 182 11.78 -8.99 -25.48
N MET C 183 10.96 -8.01 -25.82
CA MET C 183 11.35 -6.58 -25.76
C MET C 183 10.09 -5.83 -25.36
N ILE C 184 10.13 -5.04 -24.31
CA ILE C 184 8.91 -4.34 -23.82
C ILE C 184 9.24 -2.86 -23.60
N VAL C 185 8.19 -2.02 -23.55
CA VAL C 185 8.35 -0.66 -23.00
C VAL C 185 8.01 -0.73 -21.52
N ALA C 186 9.03 -0.63 -20.67
CA ALA C 186 8.92 -0.99 -19.25
C ALA C 186 8.92 0.24 -18.35
N THR C 187 8.14 0.14 -17.28
CA THR C 187 8.21 1.01 -16.10
C THR C 187 8.87 0.21 -14.98
N ALA C 188 9.91 0.75 -14.36
CA ALA C 188 10.64 0.07 -13.28
C ALA C 188 10.66 1.00 -12.08
N GLY C 189 10.77 0.44 -10.91
CA GLY C 189 10.82 1.24 -9.68
C GLY C 189 11.54 0.48 -8.61
N TYR C 190 12.15 1.18 -7.67
CA TYR C 190 12.78 0.52 -6.50
C TYR C 190 12.64 1.48 -5.33
N GLN C 191 12.08 0.99 -4.23
CA GLN C 191 11.93 1.71 -2.94
C GLN C 191 11.41 3.12 -3.25
N SER C 192 10.28 3.17 -3.93
CA SER C 192 9.61 4.42 -4.36
C SER C 192 8.08 4.24 -4.39
N SER C 193 7.37 5.28 -4.78
CA SER C 193 5.91 5.29 -5.06
C SER C 193 5.74 5.94 -6.42
N GLY C 194 4.59 5.72 -7.05
CA GLY C 194 4.39 6.28 -8.38
C GLY C 194 3.17 5.71 -9.03
N SER C 195 2.93 6.25 -10.22
CA SER C 195 1.95 5.67 -11.17
C SER C 195 2.48 5.91 -12.58
N ALA C 196 2.10 5.06 -13.49
CA ALA C 196 2.38 5.25 -14.92
C ALA C 196 1.25 4.59 -15.68
N SER C 197 0.98 5.16 -16.82
CA SER C 197 0.03 4.59 -17.80
C SER C 197 0.68 4.73 -19.17
N ILE C 198 1.05 3.62 -19.78
CA ILE C 198 1.83 3.61 -21.04
C ILE C 198 1.10 2.86 -22.13
N THR C 199 1.04 3.40 -23.35
CA THR C 199 0.46 2.70 -24.52
C THR C 199 1.53 2.51 -25.59
N VAL C 200 1.82 1.26 -25.92
CA VAL C 200 2.81 0.90 -26.95
C VAL C 200 2.00 0.76 -28.25
N GLN C 201 2.56 1.17 -29.37
CA GLN C 201 1.88 1.00 -30.70
C GLN C 201 2.30 -0.35 -31.28
N GLU D 13 35.25 16.42 3.09
CA GLU D 13 36.38 16.07 3.97
C GLU D 13 36.71 14.57 3.80
N ILE D 14 35.76 13.64 4.01
CA ILE D 14 36.06 12.18 3.89
C ILE D 14 34.98 11.45 3.08
N THR D 15 35.38 10.40 2.35
CA THR D 15 34.54 9.71 1.35
C THR D 15 34.50 8.20 1.62
N SER D 16 35.20 7.74 2.65
CA SER D 16 35.13 6.36 3.16
C SER D 16 34.83 6.35 4.65
N SER D 17 34.28 5.24 5.11
CA SER D 17 33.73 4.98 6.47
C SER D 17 34.78 5.30 7.54
N GLU D 18 34.33 5.92 8.63
CA GLU D 18 35.21 6.42 9.70
C GLU D 18 34.34 6.68 10.94
N THR D 19 34.88 6.42 12.13
CA THR D 19 34.27 6.85 13.40
C THR D 19 35.36 7.54 14.21
N GLY D 20 34.93 8.33 15.18
CA GLY D 20 35.85 9.12 15.99
C GLY D 20 35.12 10.02 16.94
N THR D 21 35.85 10.99 17.47
CA THR D 21 35.31 12.07 18.31
C THR D 21 35.73 13.36 17.63
N ASN D 22 34.83 14.34 17.67
CA ASN D 22 35.05 15.62 16.98
C ASN D 22 34.32 16.69 17.78
N ASN D 23 35.07 17.67 18.27
CA ASN D 23 34.52 18.85 19.01
C ASN D 23 33.60 18.36 20.13
N GLY D 24 33.94 17.24 20.78
CA GLY D 24 33.27 16.74 22.00
C GLY D 24 32.22 15.68 21.73
N TYR D 25 31.94 15.41 20.46
CA TYR D 25 30.85 14.52 20.01
C TYR D 25 31.43 13.31 19.28
N TYR D 26 30.86 12.15 19.56
CA TYR D 26 31.10 10.91 18.80
C TYR D 26 30.58 11.13 17.38
N TYR D 27 31.28 10.65 16.38
CA TYR D 27 30.78 10.70 14.98
C TYR D 27 30.98 9.36 14.34
N SER D 28 30.03 9.02 13.47
CA SER D 28 30.02 7.77 12.71
C SER D 28 29.61 8.06 11.27
N PHE D 29 30.48 7.69 10.35
CA PHE D 29 30.22 7.77 8.90
C PHE D 29 30.43 6.39 8.35
N TRP D 30 29.39 5.83 7.76
CA TRP D 30 29.50 4.51 7.08
C TRP D 30 28.98 4.68 5.65
N THR D 31 29.73 4.23 4.66
CA THR D 31 29.24 4.12 3.27
C THR D 31 29.69 2.79 2.69
N ASP D 32 28.83 2.17 1.89
CA ASP D 32 29.11 0.90 1.17
C ASP D 32 30.01 1.16 -0.06
N GLY D 33 30.26 2.43 -0.42
CA GLY D 33 31.20 2.79 -1.51
C GLY D 33 30.50 3.18 -2.79
N GLY D 34 29.19 2.99 -2.90
CA GLY D 34 28.41 3.33 -4.11
C GLY D 34 28.38 4.82 -4.36
N GLY D 35 28.36 5.23 -5.62
CA GLY D 35 28.28 6.65 -6.00
C GLY D 35 29.35 7.46 -5.30
N GLN D 36 29.00 8.70 -4.86
CA GLN D 36 29.89 9.63 -4.15
C GLN D 36 29.13 10.08 -2.90
N VAL D 37 29.70 9.85 -1.75
CA VAL D 37 29.16 10.29 -0.43
C VAL D 37 30.31 10.98 0.28
N THR D 38 30.17 12.28 0.57
CA THR D 38 31.22 13.10 1.22
C THR D 38 30.71 13.61 2.57
N TYR D 39 31.41 13.27 3.63
CA TYR D 39 31.05 13.62 5.01
C TYR D 39 32.04 14.68 5.50
N THR D 40 31.54 15.69 6.20
CA THR D 40 32.40 16.73 6.79
C THR D 40 31.98 16.96 8.24
N ASN D 41 32.96 16.97 9.14
CA ASN D 41 32.74 17.37 10.54
C ASN D 41 32.79 18.89 10.59
N GLY D 42 31.86 19.47 11.33
CA GLY D 42 31.78 20.92 11.59
C GLY D 42 32.03 21.22 13.06
N PRO D 43 31.96 22.51 13.45
CA PRO D 43 32.15 22.89 14.85
C PRO D 43 31.07 22.29 15.78
N ALA D 44 31.48 22.05 17.04
CA ALA D 44 30.67 21.43 18.10
C ALA D 44 29.91 20.22 17.53
N GLY D 45 28.57 20.18 17.62
CA GLY D 45 27.75 19.02 17.23
C GLY D 45 27.36 18.97 15.75
N GLN D 46 28.05 19.70 14.87
CA GLN D 46 27.58 19.91 13.47
C GLN D 46 28.24 18.91 12.56
N TYR D 47 27.51 18.40 11.57
CA TYR D 47 28.11 17.59 10.49
C TYR D 47 27.35 17.91 9.21
N SER D 48 28.01 17.61 8.10
CA SER D 48 27.45 17.77 6.74
C SER D 48 27.73 16.52 5.92
N VAL D 49 26.81 16.23 5.03
CA VAL D 49 26.93 15.08 4.11
C VAL D 49 26.35 15.54 2.78
N GLU D 50 27.06 15.25 1.70
CA GLU D 50 26.59 15.50 0.33
C GLU D 50 26.74 14.19 -0.44
N TRP D 51 25.74 13.80 -1.20
CA TRP D 51 25.75 12.48 -1.89
C TRP D 51 25.16 12.58 -3.29
N SER D 52 25.67 11.72 -4.16
CA SER D 52 25.31 11.69 -5.58
C SER D 52 25.20 10.22 -5.99
N ASN D 53 24.01 9.76 -6.39
CA ASN D 53 23.74 8.37 -6.83
C ASN D 53 24.37 7.36 -5.87
N SER D 54 24.07 7.49 -4.58
CA SER D 54 24.73 6.74 -3.50
C SER D 54 24.33 5.27 -3.50
N GLY D 55 25.16 4.45 -2.91
CA GLY D 55 24.68 3.20 -2.32
C GLY D 55 24.06 3.51 -0.99
N ASN D 56 24.23 2.61 -0.05
CA ASN D 56 23.73 2.79 1.33
C ASN D 56 24.78 3.61 2.10
N PHE D 57 24.33 4.61 2.86
CA PHE D 57 25.21 5.33 3.81
C PHE D 57 24.40 5.75 5.03
N VAL D 58 25.11 5.91 6.14
CA VAL D 58 24.54 6.44 7.40
C VAL D 58 25.59 7.38 7.97
N ALA D 59 25.22 8.60 8.33
CA ALA D 59 26.17 9.62 8.82
C ALA D 59 25.58 10.36 10.00
N GLY D 60 26.35 10.60 11.07
CA GLY D 60 25.89 11.53 12.09
C GLY D 60 26.76 11.62 13.31
N LYS D 61 26.34 12.48 14.21
CA LYS D 61 27.05 12.82 15.46
C LYS D 61 26.15 12.46 16.63
N GLY D 62 26.76 12.05 17.73
CA GLY D 62 26.07 11.87 19.00
C GLY D 62 27.03 11.37 20.06
N TRP D 63 26.75 10.18 20.59
CA TRP D 63 27.36 9.69 21.83
C TRP D 63 27.73 8.23 21.64
N ASN D 64 28.85 7.80 22.23
CA ASN D 64 29.12 6.35 22.28
C ASN D 64 29.82 6.06 23.59
N PRO D 65 29.17 5.40 24.57
CA PRO D 65 27.78 4.93 24.44
C PRO D 65 26.74 6.03 24.60
N GLY D 66 25.54 5.82 24.08
CA GLY D 66 24.42 6.72 24.37
C GLY D 66 23.88 6.48 25.77
N SER D 67 23.19 7.48 26.31
CA SER D 67 22.29 7.33 27.47
C SER D 67 20.86 7.56 26.96
N SER D 68 19.96 7.93 27.84
CA SER D 68 18.58 8.23 27.39
C SER D 68 18.49 9.75 27.25
N GLN D 69 19.46 10.38 26.61
CA GLN D 69 19.52 11.87 26.66
C GLN D 69 18.39 12.45 25.80
N THR D 70 17.93 13.61 26.21
CA THR D 70 16.97 14.44 25.45
C THR D 70 17.78 15.22 24.44
N ILE D 71 17.57 14.90 23.18
CA ILE D 71 18.42 15.39 22.07
C ILE D 71 17.77 16.65 21.53
N THR D 72 18.55 17.69 21.30
CA THR D 72 18.10 18.85 20.49
C THR D 72 18.94 18.90 19.21
N TYR D 73 18.28 19.10 18.07
CA TYR D 73 19.02 19.12 16.78
C TYR D 73 18.35 20.18 15.87
N SER D 74 19.09 20.67 14.89
CA SER D 74 18.62 21.71 13.95
C SER D 74 19.35 21.51 12.62
N GLY D 75 18.94 22.22 11.59
CA GLY D 75 19.70 22.44 10.35
C GLY D 75 18.81 22.19 9.14
N GLU D 76 19.38 21.55 8.13
CA GLU D 76 18.78 21.43 6.78
C GLU D 76 19.00 20.00 6.29
N TRP D 77 18.00 19.45 5.64
CA TRP D 77 18.03 18.08 5.08
C TRP D 77 17.27 18.08 3.76
N ASN D 78 18.05 17.98 2.68
CA ASN D 78 17.67 18.28 1.29
C ASN D 78 17.89 17.03 0.42
N PRO D 79 17.13 15.94 0.62
CA PRO D 79 17.27 14.76 -0.22
C PRO D 79 16.58 14.93 -1.58
N ASN D 80 17.16 14.27 -2.58
CA ASN D 80 16.52 14.00 -3.89
C ASN D 80 16.46 12.47 -4.04
N GLY D 81 15.40 11.87 -3.53
CA GLY D 81 15.14 10.42 -3.40
C GLY D 81 15.24 9.93 -1.97
N ASN D 82 15.43 8.62 -1.84
CA ASN D 82 15.32 7.83 -0.59
C ASN D 82 16.35 8.30 0.46
N SER D 83 15.87 8.85 1.57
CA SER D 83 16.71 9.36 2.68
C SER D 83 15.86 9.40 3.94
N TYR D 84 16.47 9.21 5.11
CA TYR D 84 15.77 9.26 6.42
C TYR D 84 16.60 10.19 7.29
N LEU D 85 15.96 10.95 8.18
CA LEU D 85 16.63 11.70 9.27
C LEU D 85 16.12 11.09 10.58
N SER D 86 16.98 10.47 11.38
CA SER D 86 16.54 9.69 12.55
C SER D 86 17.54 9.84 13.68
N VAL D 87 17.07 9.66 14.91
CA VAL D 87 17.99 9.24 15.99
C VAL D 87 18.19 7.74 15.76
N TYR D 88 19.43 7.29 15.74
CA TYR D 88 19.80 5.93 15.26
C TYR D 88 20.79 5.36 16.27
N GLY D 89 20.61 4.12 16.68
CA GLY D 89 21.56 3.58 17.66
C GLY D 89 21.42 2.08 17.85
N TRP D 90 22.25 1.55 18.74
CA TRP D 90 22.28 0.09 19.00
C TRP D 90 22.20 -0.16 20.50
N THR D 91 21.72 -1.34 20.87
CA THR D 91 21.94 -1.92 22.21
C THR D 91 22.49 -3.33 22.01
N GLN D 92 23.07 -3.86 23.09
CA GLN D 92 23.63 -5.23 23.14
C GLN D 92 22.99 -5.97 24.33
N ASN D 93 22.83 -7.29 24.21
CA ASN D 93 22.38 -8.16 25.33
C ASN D 93 21.02 -7.68 25.83
N PRO D 94 19.98 -7.66 24.95
CA PRO D 94 20.08 -8.15 23.57
C PRO D 94 20.48 -7.13 22.50
N LEU D 95 20.88 -7.66 21.33
CA LEU D 95 21.34 -6.89 20.16
C LEU D 95 20.10 -6.24 19.52
N VAL D 96 20.05 -4.92 19.43
CA VAL D 96 18.87 -4.20 18.88
C VAL D 96 19.40 -3.00 18.10
N GLU D 97 18.92 -2.83 16.87
CA GLU D 97 19.11 -1.61 16.03
C GLU D 97 17.80 -0.80 16.15
N TYR D 98 17.87 0.48 16.47
CA TYR D 98 16.63 1.25 16.69
C TYR D 98 16.75 2.57 15.93
N TYR D 99 15.58 3.08 15.59
CA TYR D 99 15.42 4.32 14.80
C TYR D 99 14.25 5.11 15.36
N ILE D 100 14.47 6.39 15.63
CA ILE D 100 13.41 7.40 15.88
C ILE D 100 13.43 8.34 14.67
N VAL D 101 12.56 8.04 13.70
CA VAL D 101 12.59 8.66 12.35
C VAL D 101 11.80 9.98 12.40
N GLU D 102 12.47 11.06 12.15
CA GLU D 102 11.90 12.44 12.23
C GLU D 102 11.31 12.78 10.85
N SER D 103 12.02 12.37 9.80
CA SER D 103 11.59 12.59 8.40
C SER D 103 12.06 11.41 7.57
N PHE D 104 11.31 11.11 6.52
CA PHE D 104 11.74 10.26 5.40
C PHE D 104 11.21 10.85 4.10
N SER D 105 11.81 10.53 2.97
CA SER D 105 11.53 11.24 1.71
C SER D 105 10.50 10.40 0.95
N THR D 106 10.97 9.53 0.09
CA THR D 106 10.18 8.78 -0.92
C THR D 106 9.94 7.33 -0.51
N TYR D 107 10.44 6.89 0.63
CA TYR D 107 10.29 5.49 1.02
C TYR D 107 10.16 5.40 2.54
N ASP D 108 9.11 4.76 3.03
CA ASP D 108 8.87 4.64 4.48
C ASP D 108 9.75 3.50 4.97
N PRO D 109 10.84 3.78 5.70
CA PRO D 109 11.83 2.76 6.04
C PRO D 109 11.25 1.70 6.97
N SER D 110 10.07 2.00 7.52
CA SER D 110 9.29 1.09 8.38
C SER D 110 8.54 0.04 7.53
N THR D 111 8.38 0.24 6.21
CA THR D 111 7.76 -0.75 5.28
C THR D 111 8.35 -2.15 5.56
N GLY D 112 7.47 -3.15 5.70
CA GLY D 112 7.84 -4.56 6.00
C GLY D 112 7.90 -4.86 7.51
N ALA D 113 7.77 -3.84 8.38
CA ALA D 113 7.78 -3.99 9.86
C ALA D 113 6.35 -4.00 10.39
N GLN D 114 6.12 -4.59 11.56
CA GLN D 114 4.76 -4.79 12.18
C GLN D 114 4.39 -3.59 13.06
N GLU D 115 3.21 -3.00 12.84
CA GLU D 115 2.72 -1.80 13.57
C GLU D 115 2.21 -2.21 14.96
N LEU D 116 2.79 -1.66 16.04
CA LEU D 116 2.60 -2.16 17.43
C LEU D 116 1.84 -1.17 18.30
N GLY D 117 1.66 0.08 17.85
CA GLY D 117 1.02 1.16 18.62
C GLY D 117 1.56 2.53 18.24
N THR D 118 1.29 3.55 19.06
CA THR D 118 1.82 4.92 18.91
C THR D 118 2.39 5.43 20.24
N VAL D 119 3.22 6.48 20.16
CA VAL D 119 3.73 7.26 21.32
C VAL D 119 3.55 8.74 20.97
N GLU D 120 2.99 9.53 21.90
CA GLU D 120 2.93 11.00 21.76
C GLU D 120 4.10 11.59 22.53
N THR D 121 4.95 12.37 21.86
CA THR D 121 6.12 13.01 22.51
C THR D 121 6.66 14.13 21.61
N ASP D 122 7.21 15.17 22.22
CA ASP D 122 7.83 16.28 21.47
C ASP D 122 6.84 16.82 20.43
N ASP D 123 5.57 17.01 20.82
CA ASP D 123 4.52 17.70 20.01
C ASP D 123 4.21 16.92 18.73
N GLY D 124 4.43 15.61 18.77
CA GLY D 124 4.32 14.70 17.62
C GLY D 124 3.69 13.40 18.03
N THR D 125 3.22 12.67 17.05
CA THR D 125 2.81 11.27 17.20
C THR D 125 3.78 10.41 16.40
N TYR D 126 4.16 9.27 16.95
CA TYR D 126 5.12 8.33 16.33
C TYR D 126 4.50 6.95 16.29
N LYS D 127 4.51 6.33 15.11
CA LYS D 127 4.05 4.94 14.94
C LYS D 127 5.19 3.99 15.30
N ILE D 128 4.91 2.98 16.12
CA ILE D 128 5.89 1.99 16.62
C ILE D 128 5.84 0.73 15.78
N TYR D 129 7.02 0.23 15.38
CA TYR D 129 7.13 -1.03 14.64
C TYR D 129 8.28 -1.86 15.17
N GLN D 130 8.14 -3.17 15.06
CA GLN D 130 9.29 -4.06 15.23
C GLN D 130 9.48 -4.88 13.97
N THR D 131 10.74 -5.19 13.68
CA THR D 131 11.11 -6.22 12.68
C THR D 131 12.35 -6.98 13.13
N THR D 132 12.67 -8.04 12.38
CA THR D 132 13.69 -9.05 12.72
C THR D 132 14.60 -9.16 11.51
N ARG D 133 15.85 -8.68 11.65
CA ARG D 133 16.97 -8.85 10.71
C ARG D 133 17.65 -10.18 11.06
N GLU D 134 17.84 -11.05 10.05
CA GLU D 134 18.49 -12.38 10.22
C GLU D 134 19.70 -12.46 9.28
N ASN D 135 20.84 -12.99 9.79
CA ASN D 135 22.14 -13.13 9.08
C ASN D 135 22.46 -11.81 8.39
N ALA D 136 22.35 -10.69 9.12
CA ALA D 136 22.46 -9.32 8.55
C ALA D 136 23.61 -8.58 9.23
N PRO D 137 24.22 -7.59 8.53
CA PRO D 137 25.30 -6.80 9.10
C PRO D 137 24.83 -6.13 10.40
N SER D 138 25.71 -6.11 11.41
CA SER D 138 25.42 -5.51 12.74
C SER D 138 26.73 -5.03 13.34
N ILE D 139 26.67 -4.47 14.55
CA ILE D 139 27.86 -3.97 15.30
C ILE D 139 28.59 -5.19 15.90
N GLU D 140 27.95 -6.37 15.87
CA GLU D 140 28.55 -7.66 16.32
C GLU D 140 28.85 -8.55 15.10
N GLY D 141 28.95 -7.97 13.91
CA GLY D 141 29.08 -8.71 12.64
C GLY D 141 27.74 -9.32 12.20
N THR D 142 27.80 -10.32 11.31
CA THR D 142 26.62 -11.08 10.82
C THR D 142 25.84 -11.58 12.04
N ALA D 143 24.59 -11.15 12.23
CA ALA D 143 23.78 -11.49 13.42
C ALA D 143 22.29 -11.52 13.09
N THR D 144 21.53 -12.02 14.06
CA THR D 144 20.06 -12.07 14.06
C THR D 144 19.57 -11.19 15.21
N PHE D 145 18.81 -10.16 14.88
CA PHE D 145 18.52 -9.09 15.85
C PHE D 145 17.25 -8.35 15.47
N ASN D 146 16.61 -7.83 16.52
CA ASN D 146 15.38 -7.01 16.50
C ASN D 146 15.75 -5.60 15.99
N GLN D 147 14.89 -5.03 15.14
CA GLN D 147 14.97 -3.59 14.77
C GLN D 147 13.72 -2.95 15.31
N TYR D 148 13.84 -1.80 15.99
CA TYR D 148 12.67 -1.14 16.58
C TYR D 148 12.60 0.22 15.91
N TRP D 149 11.38 0.66 15.60
CA TRP D 149 11.08 1.94 14.91
C TRP D 149 10.05 2.74 15.68
N SER D 150 10.29 4.03 15.79
CA SER D 150 9.31 5.10 16.03
C SER D 150 9.36 6.01 14.82
N VAL D 151 8.24 6.16 14.12
CA VAL D 151 8.21 6.94 12.86
C VAL D 151 7.24 8.11 13.04
N ARG D 152 7.73 9.33 12.98
CA ARG D 152 6.93 10.56 13.21
C ARG D 152 5.89 10.66 12.08
N THR D 153 4.63 10.96 12.44
CA THR D 153 3.50 11.09 11.45
C THR D 153 3.60 12.41 10.66
N ASP D 154 4.03 13.51 11.28
CA ASP D 154 4.23 14.83 10.64
C ASP D 154 5.74 15.05 10.55
N HIS D 155 6.31 14.77 9.39
CA HIS D 155 7.77 14.86 9.19
C HIS D 155 8.25 16.25 9.58
N ARG D 156 9.40 16.31 10.24
CA ARG D 156 10.04 17.60 10.49
C ARG D 156 11.56 17.46 10.41
N VAL D 157 12.23 18.59 10.33
CA VAL D 157 13.70 18.75 10.40
C VAL D 157 14.00 19.75 11.51
N GLY D 158 14.23 19.21 12.70
CA GLY D 158 14.64 20.00 13.87
C GLY D 158 13.72 19.75 15.04
N GLY D 159 14.16 20.11 16.22
CA GLY D 159 13.31 20.00 17.40
C GLY D 159 14.02 19.19 18.46
N THR D 160 13.24 18.67 19.38
CA THR D 160 13.68 17.95 20.59
C THR D 160 13.20 16.53 20.42
N VAL D 161 14.04 15.55 20.72
CA VAL D 161 13.71 14.11 20.81
C VAL D 161 14.04 13.65 22.24
N THR D 162 12.98 13.39 22.98
CA THR D 162 13.02 12.87 24.36
C THR D 162 13.16 11.36 24.22
N THR D 163 14.38 10.87 24.00
CA THR D 163 14.62 9.44 23.67
C THR D 163 13.99 8.53 24.74
N GLN D 164 14.07 8.88 26.02
CA GLN D 164 13.47 8.07 27.10
C GLN D 164 11.98 7.82 26.84
N ASN D 165 11.25 8.76 26.21
CA ASN D 165 9.79 8.55 25.98
C ASN D 165 9.61 7.42 24.96
N HIS D 166 10.49 7.35 23.94
CA HIS D 166 10.51 6.26 22.94
C HIS D 166 10.89 4.93 23.57
N PHE D 167 11.95 4.90 24.36
CA PHE D 167 12.42 3.64 24.99
C PHE D 167 11.33 3.11 25.95
N ASP D 168 10.64 3.99 26.68
CA ASP D 168 9.51 3.65 27.61
C ASP D 168 8.33 3.06 26.80
N ALA D 169 7.95 3.72 25.69
CA ALA D 169 6.88 3.29 24.76
C ALA D 169 7.22 1.91 24.16
N TRP D 170 8.47 1.66 23.73
CA TRP D 170 8.89 0.35 23.19
C TRP D 170 8.88 -0.70 24.32
N LYS D 171 9.37 -0.37 25.51
CA LYS D 171 9.25 -1.32 26.66
C LYS D 171 7.77 -1.69 26.86
N ASN D 172 6.91 -0.68 26.89
CA ASN D 172 5.44 -0.84 27.10
C ASN D 172 4.89 -1.79 26.03
N ALA D 173 5.34 -1.69 24.77
CA ALA D 173 4.88 -2.54 23.65
C ALA D 173 5.50 -3.95 23.67
N GLY D 174 6.34 -4.30 24.65
CA GLY D 174 7.01 -5.61 24.77
C GLY D 174 8.37 -5.74 24.07
N LEU D 175 9.05 -4.63 23.72
CA LEU D 175 10.33 -4.63 22.95
C LEU D 175 11.53 -4.42 23.89
N GLU D 176 12.30 -5.48 24.15
CA GLU D 176 13.40 -5.45 25.16
C GLU D 176 14.62 -4.68 24.59
N MET D 177 15.17 -3.78 25.39
CA MET D 177 16.41 -3.02 25.04
C MET D 177 17.57 -3.53 25.91
N GLY D 178 18.75 -3.62 25.33
CA GLY D 178 19.98 -4.05 26.02
C GLY D 178 20.79 -2.88 26.55
N THR D 179 22.08 -3.11 26.75
CA THR D 179 23.06 -2.07 27.18
C THR D 179 23.36 -1.18 25.97
N HIS D 180 23.26 0.13 26.13
CA HIS D 180 23.40 1.07 24.97
C HIS D 180 24.81 1.00 24.38
N ASN D 181 24.90 0.90 23.06
CA ASN D 181 26.11 1.22 22.27
C ASN D 181 25.83 2.63 21.73
N TYR D 182 26.28 2.95 20.53
CA TYR D 182 26.27 4.36 20.07
C TYR D 182 24.84 4.86 19.83
N MET D 183 24.67 6.17 19.90
CA MET D 183 23.41 6.82 19.50
C MET D 183 23.78 8.10 18.80
N ILE D 184 23.29 8.28 17.58
CA ILE D 184 23.62 9.47 16.76
C ILE D 184 22.34 10.03 16.14
N VAL D 185 22.42 11.29 15.75
CA VAL D 185 21.39 11.93 14.89
C VAL D 185 21.85 11.75 13.47
N ALA D 186 21.20 10.85 12.75
CA ALA D 186 21.77 10.28 11.54
C ALA D 186 20.99 10.77 10.33
N THR D 187 21.75 11.06 9.29
CA THR D 187 21.28 11.19 7.90
C THR D 187 21.62 9.87 7.20
N ALA D 188 20.61 9.19 6.66
CA ALA D 188 20.81 7.94 5.89
C ALA D 188 20.26 8.10 4.48
N GLY D 189 20.87 7.42 3.53
CA GLY D 189 20.44 7.49 2.12
C GLY D 189 20.65 6.16 1.45
N TYR D 190 19.92 5.95 0.37
CA TYR D 190 20.15 4.78 -0.53
C TYR D 190 19.66 5.14 -1.92
N GLN D 191 20.54 4.95 -2.92
CA GLN D 191 20.23 5.10 -4.36
C GLN D 191 19.55 6.45 -4.57
N SER D 192 20.12 7.49 -4.00
CA SER D 192 19.60 8.87 -4.09
C SER D 192 20.73 9.87 -4.19
N SER D 193 20.38 11.16 -4.15
CA SER D 193 21.35 12.27 -4.11
C SER D 193 20.82 13.25 -3.08
N GLY D 194 21.69 14.13 -2.60
CA GLY D 194 21.20 15.13 -1.65
C GLY D 194 22.31 15.79 -0.88
N SER D 195 21.87 16.61 0.05
CA SER D 195 22.75 17.32 0.99
C SER D 195 22.00 17.43 2.32
N ALA D 196 22.74 17.50 3.41
CA ALA D 196 22.20 17.74 4.76
C ALA D 196 23.29 18.42 5.58
N SER D 197 22.86 19.28 6.47
CA SER D 197 23.77 19.92 7.44
C SER D 197 23.03 19.96 8.77
N ILE D 198 23.41 19.10 9.70
CA ILE D 198 22.68 18.88 10.97
C ILE D 198 23.59 19.25 12.14
N THR D 199 23.04 19.96 13.12
CA THR D 199 23.75 20.27 14.37
C THR D 199 23.06 19.56 15.54
N VAL D 200 23.84 18.80 16.28
CA VAL D 200 23.36 18.08 17.51
C VAL D 200 23.75 18.86 18.77
N GLN D 201 22.89 18.79 19.80
CA GLN D 201 23.24 18.94 21.25
C GLN D 201 22.57 17.83 22.08
ZN ZN E . -5.12 -16.59 -13.35
ZN ZN F . -9.12 -10.95 -7.23
ZN ZN G . -26.58 9.53 -14.96
ZN ZN H . -22.91 4.49 -8.63
ZN ZN I . 14.58 13.35 -15.77
ZN ZN J . 4.29 19.68 9.97
ZN ZN K . 8.36 13.24 4.41
#